data_1F7M
# 
_entry.id   1F7M 
# 
_audit_conform.dict_name       mmcif_pdbx.dic 
_audit_conform.dict_version    5.398 
_audit_conform.dict_location   http://mmcif.pdb.org/dictionaries/ascii/mmcif_pdbx.dic 
# 
loop_
_database_2.database_id 
_database_2.database_code 
_database_2.pdbx_database_accession 
_database_2.pdbx_DOI 
PDB   1F7M         pdb_00001f7m 10.2210/pdb1f7m/pdb 
RCSB  RCSB000509   ?            ?                   
WWPDB D_1000000509 ?            ?                   
# 
loop_
_pdbx_audit_revision_history.ordinal 
_pdbx_audit_revision_history.data_content_type 
_pdbx_audit_revision_history.major_revision 
_pdbx_audit_revision_history.minor_revision 
_pdbx_audit_revision_history.revision_date 
1 'Structure model' 1 0 1999-06-16 
2 'Structure model' 1 1 2008-04-26 
3 'Structure model' 1 2 2011-07-13 
4 'Structure model' 1 3 2022-02-23 
5 'Structure model' 1 4 2023-12-27 
6 'Structure model' 1 5 2024-11-13 
# 
_pdbx_audit_revision_details.ordinal             1 
_pdbx_audit_revision_details.revision_ordinal    1 
_pdbx_audit_revision_details.data_content_type   'Structure model' 
_pdbx_audit_revision_details.provider            repository 
_pdbx_audit_revision_details.type                'Initial release' 
_pdbx_audit_revision_details.description         ? 
_pdbx_audit_revision_details.details             ? 
# 
loop_
_pdbx_audit_revision_group.ordinal 
_pdbx_audit_revision_group.revision_ordinal 
_pdbx_audit_revision_group.data_content_type 
_pdbx_audit_revision_group.group 
1 2 'Structure model' 'Version format compliance' 
2 3 'Structure model' 'Version format compliance' 
3 4 'Structure model' 'Data collection'           
4 4 'Structure model' 'Database references'       
5 4 'Structure model' 'Derived calculations'      
6 5 'Structure model' 'Data collection'           
7 6 'Structure model' 'Structure summary'         
# 
loop_
_pdbx_audit_revision_category.ordinal 
_pdbx_audit_revision_category.revision_ordinal 
_pdbx_audit_revision_category.data_content_type 
_pdbx_audit_revision_category.category 
1 4 'Structure model' database_2                
2 4 'Structure model' pdbx_nmr_software         
3 4 'Structure model' pdbx_struct_assembly      
4 4 'Structure model' pdbx_struct_oper_list     
5 5 'Structure model' chem_comp_atom            
6 5 'Structure model' chem_comp_bond            
7 6 'Structure model' pdbx_entry_details        
8 6 'Structure model' pdbx_modification_feature 
# 
loop_
_pdbx_audit_revision_item.ordinal 
_pdbx_audit_revision_item.revision_ordinal 
_pdbx_audit_revision_item.data_content_type 
_pdbx_audit_revision_item.item 
1 4 'Structure model' '_database_2.pdbx_DOI'                
2 4 'Structure model' '_database_2.pdbx_database_accession' 
3 4 'Structure model' '_pdbx_nmr_software.name'             
# 
_pdbx_database_status.status_code                     REL 
_pdbx_database_status.entry_id                        1F7M 
_pdbx_database_status.recvd_initial_deposition_date   1999-02-19 
_pdbx_database_status.deposit_site                    BNL 
_pdbx_database_status.process_site                    RCSB 
_pdbx_database_status.status_code_mr                  REL 
_pdbx_database_status.SG_entry                        . 
_pdbx_database_status.pdb_format_compatible           Y 
_pdbx_database_status.status_code_sf                  ? 
_pdbx_database_status.status_code_cs                  ? 
_pdbx_database_status.status_code_nmr_data            ? 
_pdbx_database_status.methods_development_category    ? 
# 
loop_
_audit_author.name 
_audit_author.pdbx_ordinal 
'Kao, Y.-H.'        1 
'Lee, G.F.'         2 
'Wang, Y.'          3 
'Starovasnik, M.A.' 4 
'Kelley, R.F.'      5 
'Spellman, M.W.'    6 
'Lerner, L.'        7 
# 
_citation.id                        primary 
_citation.title                     
'The effect of O-fucosylation on the first EGF-like domain from human blood coagulation factor VII.' 
_citation.journal_abbrev            Biochemistry 
_citation.journal_volume            38 
_citation.page_first                7097 
_citation.page_last                 7110 
_citation.year                      1999 
_citation.journal_id_ASTM           BICHAW 
_citation.country                   US 
_citation.journal_id_ISSN           0006-2960 
_citation.journal_id_CSD            0033 
_citation.book_publisher            ? 
_citation.pdbx_database_id_PubMed   10353820 
_citation.pdbx_database_id_DOI      10.1021/bi990234z 
# 
loop_
_citation_author.citation_id 
_citation_author.name 
_citation_author.ordinal 
_citation_author.identifier_ORCID 
primary 'Kao, Y.H.'         1 ? 
primary 'Lee, G.F.'         2 ? 
primary 'Wang, Y.'          3 ? 
primary 'Starovasnik, M.A.' 4 ? 
primary 'Kelley, R.F.'      5 ? 
primary 'Spellman, M.W.'    6 ? 
primary 'Lerner, L.'        7 ? 
# 
_entity.id                         1 
_entity.type                       polymer 
_entity.src_method                 man 
_entity.pdbx_description           'PROTEIN (Blood Coagulation Factor VII)' 
_entity.formula_weight             4878.247 
_entity.pdbx_number_of_molecules   1 
_entity.pdbx_ec                    ? 
_entity.pdbx_mutation              ? 
_entity.pdbx_fragment              'FIRST EGF-LIKE DOMAIN' 
_entity.details                    'CALCIUM BOUND FORM' 
# 
_entity_poly.entity_id                      1 
_entity_poly.type                           'polypeptide(L)' 
_entity_poly.nstd_linkage                   no 
_entity_poly.nstd_monomer                   no 
_entity_poly.pdbx_seq_one_letter_code       SDGDQCASSPCQNGGSCKDQLQSYICFCLPAFEGRNCETHKDDGSA 
_entity_poly.pdbx_seq_one_letter_code_can   SDGDQCASSPCQNGGSCKDQLQSYICFCLPAFEGRNCETHKDDGSA 
_entity_poly.pdbx_strand_id                 A 
_entity_poly.pdbx_target_identifier         ? 
# 
loop_
_entity_poly_seq.entity_id 
_entity_poly_seq.num 
_entity_poly_seq.mon_id 
_entity_poly_seq.hetero 
1 1  SER n 
1 2  ASP n 
1 3  GLY n 
1 4  ASP n 
1 5  GLN n 
1 6  CYS n 
1 7  ALA n 
1 8  SER n 
1 9  SER n 
1 10 PRO n 
1 11 CYS n 
1 12 GLN n 
1 13 ASN n 
1 14 GLY n 
1 15 GLY n 
1 16 SER n 
1 17 CYS n 
1 18 LYS n 
1 19 ASP n 
1 20 GLN n 
1 21 LEU n 
1 22 GLN n 
1 23 SER n 
1 24 TYR n 
1 25 ILE n 
1 26 CYS n 
1 27 PHE n 
1 28 CYS n 
1 29 LEU n 
1 30 PRO n 
1 31 ALA n 
1 32 PHE n 
1 33 GLU n 
1 34 GLY n 
1 35 ARG n 
1 36 ASN n 
1 37 CYS n 
1 38 GLU n 
1 39 THR n 
1 40 HIS n 
1 41 LYS n 
1 42 ASP n 
1 43 ASP n 
1 44 GLY n 
1 45 SER n 
1 46 ALA n 
# 
_entity_src_gen.entity_id                          1 
_entity_src_gen.pdbx_src_id                        1 
_entity_src_gen.pdbx_alt_source_flag               sample 
_entity_src_gen.pdbx_seq_type                      ? 
_entity_src_gen.pdbx_beg_seq_num                   ? 
_entity_src_gen.pdbx_end_seq_num                   ? 
_entity_src_gen.gene_src_common_name               human 
_entity_src_gen.gene_src_genus                     Homo 
_entity_src_gen.pdbx_gene_src_gene                 ? 
_entity_src_gen.gene_src_species                   ? 
_entity_src_gen.gene_src_strain                    ? 
_entity_src_gen.gene_src_tissue                    ? 
_entity_src_gen.gene_src_tissue_fraction           ? 
_entity_src_gen.gene_src_details                   ? 
_entity_src_gen.pdbx_gene_src_fragment             ? 
_entity_src_gen.pdbx_gene_src_scientific_name      'Homo sapiens' 
_entity_src_gen.pdbx_gene_src_ncbi_taxonomy_id     9606 
_entity_src_gen.pdbx_gene_src_variant              ? 
_entity_src_gen.pdbx_gene_src_cell_line            ? 
_entity_src_gen.pdbx_gene_src_atcc                 ? 
_entity_src_gen.pdbx_gene_src_organ                ? 
_entity_src_gen.pdbx_gene_src_organelle            ? 
_entity_src_gen.pdbx_gene_src_cell                 ? 
_entity_src_gen.pdbx_gene_src_cellular_location    ? 
_entity_src_gen.host_org_common_name               ? 
_entity_src_gen.pdbx_host_org_scientific_name      'Escherichia coli' 
_entity_src_gen.pdbx_host_org_ncbi_taxonomy_id     562 
_entity_src_gen.host_org_genus                     Escherichia 
_entity_src_gen.pdbx_host_org_gene                 ? 
_entity_src_gen.pdbx_host_org_organ                ? 
_entity_src_gen.host_org_species                   ? 
_entity_src_gen.pdbx_host_org_tissue               ? 
_entity_src_gen.pdbx_host_org_tissue_fraction      ? 
_entity_src_gen.pdbx_host_org_strain               ? 
_entity_src_gen.pdbx_host_org_variant              ? 
_entity_src_gen.pdbx_host_org_cell_line            ? 
_entity_src_gen.pdbx_host_org_atcc                 ? 
_entity_src_gen.pdbx_host_org_culture_collection   ? 
_entity_src_gen.pdbx_host_org_cell                 ? 
_entity_src_gen.pdbx_host_org_organelle            ? 
_entity_src_gen.pdbx_host_org_cellular_location    ? 
_entity_src_gen.pdbx_host_org_vector_type          ? 
_entity_src_gen.pdbx_host_org_vector               ? 
_entity_src_gen.host_org_details                   ? 
_entity_src_gen.expression_system_id               ? 
_entity_src_gen.plasmid_name                       ? 
_entity_src_gen.plasmid_details                    ? 
_entity_src_gen.pdbx_description                   ? 
# 
loop_
_chem_comp.id 
_chem_comp.type 
_chem_comp.mon_nstd_flag 
_chem_comp.name 
_chem_comp.pdbx_synonyms 
_chem_comp.formula 
_chem_comp.formula_weight 
ALA 'L-peptide linking' y ALANINE         ? 'C3 H7 N O2'     89.093  
ARG 'L-peptide linking' y ARGININE        ? 'C6 H15 N4 O2 1' 175.209 
ASN 'L-peptide linking' y ASPARAGINE      ? 'C4 H8 N2 O3'    132.118 
ASP 'L-peptide linking' y 'ASPARTIC ACID' ? 'C4 H7 N O4'     133.103 
CYS 'L-peptide linking' y CYSTEINE        ? 'C3 H7 N O2 S'   121.158 
GLN 'L-peptide linking' y GLUTAMINE       ? 'C5 H10 N2 O3'   146.144 
GLU 'L-peptide linking' y 'GLUTAMIC ACID' ? 'C5 H9 N O4'     147.129 
GLY 'peptide linking'   y GLYCINE         ? 'C2 H5 N O2'     75.067  
HIS 'L-peptide linking' y HISTIDINE       ? 'C6 H10 N3 O2 1' 156.162 
ILE 'L-peptide linking' y ISOLEUCINE      ? 'C6 H13 N O2'    131.173 
LEU 'L-peptide linking' y LEUCINE         ? 'C6 H13 N O2'    131.173 
LYS 'L-peptide linking' y LYSINE          ? 'C6 H15 N2 O2 1' 147.195 
PHE 'L-peptide linking' y PHENYLALANINE   ? 'C9 H11 N O2'    165.189 
PRO 'L-peptide linking' y PROLINE         ? 'C5 H9 N O2'     115.130 
SER 'L-peptide linking' y SERINE          ? 'C3 H7 N O3'     105.093 
THR 'L-peptide linking' y THREONINE       ? 'C4 H9 N O3'     119.119 
TYR 'L-peptide linking' y TYROSINE        ? 'C9 H11 N O3'    181.189 
# 
loop_
_pdbx_poly_seq_scheme.asym_id 
_pdbx_poly_seq_scheme.entity_id 
_pdbx_poly_seq_scheme.seq_id 
_pdbx_poly_seq_scheme.mon_id 
_pdbx_poly_seq_scheme.ndb_seq_num 
_pdbx_poly_seq_scheme.pdb_seq_num 
_pdbx_poly_seq_scheme.auth_seq_num 
_pdbx_poly_seq_scheme.pdb_mon_id 
_pdbx_poly_seq_scheme.auth_mon_id 
_pdbx_poly_seq_scheme.pdb_strand_id 
_pdbx_poly_seq_scheme.pdb_ins_code 
_pdbx_poly_seq_scheme.hetero 
A 1 1  SER 1  45 45 SER SER A . n 
A 1 2  ASP 2  46 46 ASP ASP A . n 
A 1 3  GLY 3  47 47 GLY GLY A . n 
A 1 4  ASP 4  48 48 ASP ASP A . n 
A 1 5  GLN 5  49 49 GLN GLN A . n 
A 1 6  CYS 6  50 50 CYS CYS A . n 
A 1 7  ALA 7  51 51 ALA ALA A . n 
A 1 8  SER 8  52 52 SER SER A . n 
A 1 9  SER 9  53 53 SER SER A . n 
A 1 10 PRO 10 54 54 PRO PRO A . n 
A 1 11 CYS 11 55 55 CYS CYS A . n 
A 1 12 GLN 12 56 56 GLN GLN A . n 
A 1 13 ASN 13 57 57 ASN ASN A . n 
A 1 14 GLY 14 58 58 GLY GLY A . n 
A 1 15 GLY 15 59 59 GLY GLY A . n 
A 1 16 SER 16 60 60 SER SER A . n 
A 1 17 CYS 17 61 61 CYS CYS A . n 
A 1 18 LYS 18 62 62 LYS LYS A . n 
A 1 19 ASP 19 63 63 ASP ASP A . n 
A 1 20 GLN 20 64 64 GLN GLN A . n 
A 1 21 LEU 21 65 65 LEU LEU A . n 
A 1 22 GLN 22 66 66 GLN GLN A . n 
A 1 23 SER 23 67 67 SER SER A . n 
A 1 24 TYR 24 68 68 TYR TYR A . n 
A 1 25 ILE 25 69 69 ILE ILE A . n 
A 1 26 CYS 26 70 70 CYS CYS A . n 
A 1 27 PHE 27 71 71 PHE PHE A . n 
A 1 28 CYS 28 72 72 CYS CYS A . n 
A 1 29 LEU 29 73 73 LEU LEU A . n 
A 1 30 PRO 30 74 74 PRO PRO A . n 
A 1 31 ALA 31 75 75 ALA ALA A . n 
A 1 32 PHE 32 76 76 PHE PHE A . n 
A 1 33 GLU 33 77 77 GLU GLU A . n 
A 1 34 GLY 34 78 78 GLY GLY A . n 
A 1 35 ARG 35 79 79 ARG ARG A . n 
A 1 36 ASN 36 80 80 ASN ASN A . n 
A 1 37 CYS 37 81 81 CYS CYS A . n 
A 1 38 GLU 38 82 82 GLU GLU A . n 
A 1 39 THR 39 83 83 THR THR A . n 
A 1 40 HIS 40 84 84 HIS HIS A . n 
A 1 41 LYS 41 85 85 LYS LYS A . n 
A 1 42 ASP 42 86 86 ASP ASP A . n 
A 1 43 ASP 43 87 87 ASP ASP A . n 
A 1 44 GLY 44 88 88 GLY GLY A . n 
A 1 45 SER 45 89 89 SER SER A . n 
A 1 46 ALA 46 90 90 ALA ALA A . n 
# 
_cell.entry_id           1F7M 
_cell.length_a           1.000 
_cell.length_b           1.000 
_cell.length_c           1.000 
_cell.angle_alpha        90.00 
_cell.angle_beta         90.00 
_cell.angle_gamma        90.00 
_cell.Z_PDB              1 
_cell.pdbx_unique_axis   ? 
# 
_symmetry.entry_id                         1F7M 
_symmetry.space_group_name_H-M             'P 1' 
_symmetry.pdbx_full_space_group_name_H-M   ? 
_symmetry.cell_setting                     ? 
_symmetry.Int_Tables_number                1 
# 
_exptl.entry_id          1F7M 
_exptl.method            'SOLUTION NMR' 
_exptl.crystals_number   ? 
# 
_struct.entry_id                  1F7M 
_struct.title                     'THE FIRST EGF-LIKE DOMAIN FROM HUMAN BLOOD COAGULATION FVII, NMR, MINIMIZED AVERAGE STRUCTURE' 
_struct.pdbx_model_details        ? 
_struct.pdbx_CASP_flag            ? 
_struct.pdbx_model_type_details   ? 
# 
_struct_keywords.entry_id        1F7M 
_struct_keywords.pdbx_keywords   'BLOOD CLOTTING' 
_struct_keywords.text            'FACTOR VII, BLOOD COAGULATION, EGF-LIKE DOMAIN, BLOOD CLOTTING' 
# 
_struct_asym.id                            A 
_struct_asym.pdbx_blank_PDB_chainid_flag   N 
_struct_asym.pdbx_modified                 N 
_struct_asym.entity_id                     1 
_struct_asym.details                       ? 
# 
_struct_ref.id                         1 
_struct_ref.db_name                    UNP 
_struct_ref.db_code                    FA7_HUMAN 
_struct_ref.entity_id                  1 
_struct_ref.pdbx_db_accession          P08709 
_struct_ref.pdbx_db_isoform            ? 
_struct_ref.pdbx_seq_one_letter_code   ? 
_struct_ref.pdbx_align_begin           ? 
# 
_struct_ref_seq.align_id                      1 
_struct_ref_seq.ref_id                        1 
_struct_ref_seq.pdbx_PDB_id_code              1F7M 
_struct_ref_seq.pdbx_strand_id                A 
_struct_ref_seq.seq_align_beg                 1 
_struct_ref_seq.pdbx_seq_align_beg_ins_code   ? 
_struct_ref_seq.seq_align_end                 43 
_struct_ref_seq.pdbx_seq_align_end_ins_code   ? 
_struct_ref_seq.pdbx_db_accession             P08709 
_struct_ref_seq.db_align_beg                  83 
_struct_ref_seq.pdbx_db_align_beg_ins_code    ? 
_struct_ref_seq.db_align_end                  125 
_struct_ref_seq.pdbx_db_align_end_ins_code    ? 
_struct_ref_seq.pdbx_auth_seq_align_beg       45 
_struct_ref_seq.pdbx_auth_seq_align_end       87 
# 
loop_
_struct_ref_seq_dif.align_id 
_struct_ref_seq_dif.pdbx_pdb_id_code 
_struct_ref_seq_dif.mon_id 
_struct_ref_seq_dif.pdbx_pdb_strand_id 
_struct_ref_seq_dif.seq_num 
_struct_ref_seq_dif.pdbx_pdb_ins_code 
_struct_ref_seq_dif.pdbx_seq_db_name 
_struct_ref_seq_dif.pdbx_seq_db_accession_code 
_struct_ref_seq_dif.db_mon_id 
_struct_ref_seq_dif.pdbx_seq_db_seq_num 
_struct_ref_seq_dif.details 
_struct_ref_seq_dif.pdbx_auth_seq_num 
_struct_ref_seq_dif.pdbx_ordinal 
1 1F7M GLY A 44 ? UNP P08709 ? ? 'SEE REMARK 999' 88 1 
1 1F7M SER A 45 ? UNP P08709 ? ? 'SEE REMARK 999' 89 2 
1 1F7M ALA A 46 ? UNP P08709 ? ? 'SEE REMARK 999' 90 3 
# 
_pdbx_struct_assembly.id                   1 
_pdbx_struct_assembly.details              author_defined_assembly 
_pdbx_struct_assembly.method_details       ? 
_pdbx_struct_assembly.oligomeric_details   monomeric 
_pdbx_struct_assembly.oligomeric_count     1 
# 
_pdbx_struct_assembly_gen.assembly_id       1 
_pdbx_struct_assembly_gen.oper_expression   1 
_pdbx_struct_assembly_gen.asym_id_list      A 
# 
_pdbx_struct_oper_list.id                   1 
_pdbx_struct_oper_list.type                 'identity operation' 
_pdbx_struct_oper_list.name                 1_555 
_pdbx_struct_oper_list.symmetry_operation   x,y,z 
_pdbx_struct_oper_list.matrix[1][1]         1.0000000000 
_pdbx_struct_oper_list.matrix[1][2]         0.0000000000 
_pdbx_struct_oper_list.matrix[1][3]         0.0000000000 
_pdbx_struct_oper_list.vector[1]            0.0000000000 
_pdbx_struct_oper_list.matrix[2][1]         0.0000000000 
_pdbx_struct_oper_list.matrix[2][2]         1.0000000000 
_pdbx_struct_oper_list.matrix[2][3]         0.0000000000 
_pdbx_struct_oper_list.vector[2]            0.0000000000 
_pdbx_struct_oper_list.matrix[3][1]         0.0000000000 
_pdbx_struct_oper_list.matrix[3][2]         0.0000000000 
_pdbx_struct_oper_list.matrix[3][3]         1.0000000000 
_pdbx_struct_oper_list.vector[3]            0.0000000000 
# 
_struct_biol.id   1 
# 
loop_
_struct_conn.id 
_struct_conn.conn_type_id 
_struct_conn.pdbx_leaving_atom_flag 
_struct_conn.pdbx_PDB_id 
_struct_conn.ptnr1_label_asym_id 
_struct_conn.ptnr1_label_comp_id 
_struct_conn.ptnr1_label_seq_id 
_struct_conn.ptnr1_label_atom_id 
_struct_conn.pdbx_ptnr1_label_alt_id 
_struct_conn.pdbx_ptnr1_PDB_ins_code 
_struct_conn.pdbx_ptnr1_standard_comp_id 
_struct_conn.ptnr1_symmetry 
_struct_conn.ptnr2_label_asym_id 
_struct_conn.ptnr2_label_comp_id 
_struct_conn.ptnr2_label_seq_id 
_struct_conn.ptnr2_label_atom_id 
_struct_conn.pdbx_ptnr2_label_alt_id 
_struct_conn.pdbx_ptnr2_PDB_ins_code 
_struct_conn.ptnr1_auth_asym_id 
_struct_conn.ptnr1_auth_comp_id 
_struct_conn.ptnr1_auth_seq_id 
_struct_conn.ptnr2_auth_asym_id 
_struct_conn.ptnr2_auth_comp_id 
_struct_conn.ptnr2_auth_seq_id 
_struct_conn.ptnr2_symmetry 
_struct_conn.pdbx_ptnr3_label_atom_id 
_struct_conn.pdbx_ptnr3_label_seq_id 
_struct_conn.pdbx_ptnr3_label_comp_id 
_struct_conn.pdbx_ptnr3_label_asym_id 
_struct_conn.pdbx_ptnr3_label_alt_id 
_struct_conn.pdbx_ptnr3_PDB_ins_code 
_struct_conn.details 
_struct_conn.pdbx_dist_value 
_struct_conn.pdbx_value_order 
_struct_conn.pdbx_role 
disulf1 disulf ? ? A CYS 6  SG ? ? ? 1_555 A CYS 17 SG ? ? A CYS 50 A CYS 61 1_555 ? ? ? ? ? ? ? 2.020 ? ? 
disulf2 disulf ? ? A CYS 11 SG ? ? ? 1_555 A CYS 26 SG ? ? A CYS 55 A CYS 70 1_555 ? ? ? ? ? ? ? 2.020 ? ? 
disulf3 disulf ? ? A CYS 28 SG ? ? ? 1_555 A CYS 37 SG ? ? A CYS 72 A CYS 81 1_555 ? ? ? ? ? ? ? 2.020 ? ? 
# 
_struct_conn_type.id          disulf 
_struct_conn_type.criteria    ? 
_struct_conn_type.reference   ? 
# 
loop_
_pdbx_modification_feature.ordinal 
_pdbx_modification_feature.label_comp_id 
_pdbx_modification_feature.label_asym_id 
_pdbx_modification_feature.label_seq_id 
_pdbx_modification_feature.label_alt_id 
_pdbx_modification_feature.modified_residue_label_comp_id 
_pdbx_modification_feature.modified_residue_label_asym_id 
_pdbx_modification_feature.modified_residue_label_seq_id 
_pdbx_modification_feature.modified_residue_label_alt_id 
_pdbx_modification_feature.auth_comp_id 
_pdbx_modification_feature.auth_asym_id 
_pdbx_modification_feature.auth_seq_id 
_pdbx_modification_feature.PDB_ins_code 
_pdbx_modification_feature.symmetry 
_pdbx_modification_feature.modified_residue_auth_comp_id 
_pdbx_modification_feature.modified_residue_auth_asym_id 
_pdbx_modification_feature.modified_residue_auth_seq_id 
_pdbx_modification_feature.modified_residue_PDB_ins_code 
_pdbx_modification_feature.modified_residue_symmetry 
_pdbx_modification_feature.comp_id_linking_atom 
_pdbx_modification_feature.modified_residue_id_linking_atom 
_pdbx_modification_feature.modified_residue_id 
_pdbx_modification_feature.ref_pcm_id 
_pdbx_modification_feature.ref_comp_id 
_pdbx_modification_feature.type 
_pdbx_modification_feature.category 
1 CYS A 6  ? CYS A 17 ? CYS A 50 ? 1_555 CYS A 61 ? 1_555 SG SG . . . None 'Disulfide bridge' 
2 CYS A 11 ? CYS A 26 ? CYS A 55 ? 1_555 CYS A 70 ? 1_555 SG SG . . . None 'Disulfide bridge' 
3 CYS A 28 ? CYS A 37 ? CYS A 72 ? 1_555 CYS A 81 ? 1_555 SG SG . . . None 'Disulfide bridge' 
# 
loop_
_struct_sheet.id 
_struct_sheet.type 
_struct_sheet.number_strands 
_struct_sheet.details 
S1 ? 2 ? 
S2 ? 2 ? 
# 
loop_
_struct_sheet_order.sheet_id 
_struct_sheet_order.range_id_1 
_struct_sheet_order.range_id_2 
_struct_sheet_order.offset 
_struct_sheet_order.sense 
S1 1 2 ? anti-parallel 
S2 1 2 ? anti-parallel 
# 
loop_
_struct_sheet_range.sheet_id 
_struct_sheet_range.id 
_struct_sheet_range.beg_label_comp_id 
_struct_sheet_range.beg_label_asym_id 
_struct_sheet_range.beg_label_seq_id 
_struct_sheet_range.pdbx_beg_PDB_ins_code 
_struct_sheet_range.end_label_comp_id 
_struct_sheet_range.end_label_asym_id 
_struct_sheet_range.end_label_seq_id 
_struct_sheet_range.pdbx_end_PDB_ins_code 
_struct_sheet_range.beg_auth_comp_id 
_struct_sheet_range.beg_auth_asym_id 
_struct_sheet_range.beg_auth_seq_id 
_struct_sheet_range.end_auth_comp_id 
_struct_sheet_range.end_auth_asym_id 
_struct_sheet_range.end_auth_seq_id 
S1 1 SER A 16 ? ASP A 19 ? SER A 60 ASP A 63 
S1 2 TYR A 24 ? PHE A 27 ? TYR A 68 PHE A 71 
S2 1 PHE A 32 ? GLU A 33 ? PHE A 76 GLU A 77 
S2 2 THR A 39 ? HIS A 40 ? THR A 83 HIS A 84 
# 
_pdbx_entry_details.entry_id                   1F7M 
_pdbx_entry_details.compound_details           ? 
_pdbx_entry_details.source_details             ? 
_pdbx_entry_details.nonpolymer_details         ? 
_pdbx_entry_details.sequence_details           ? 
_pdbx_entry_details.has_ligand_of_interest     ? 
_pdbx_entry_details.has_protein_modification   Y 
# 
loop_
_pdbx_validate_torsion.id 
_pdbx_validate_torsion.PDB_model_num 
_pdbx_validate_torsion.auth_comp_id 
_pdbx_validate_torsion.auth_asym_id 
_pdbx_validate_torsion.auth_seq_id 
_pdbx_validate_torsion.PDB_ins_code 
_pdbx_validate_torsion.label_alt_id 
_pdbx_validate_torsion.phi 
_pdbx_validate_torsion.psi 
1 1 GLN A 49 ? ? -90.65  -60.14  
2 1 CYS A 50 ? ? -93.97  49.61   
3 1 SER A 53 ? ? 52.31   78.57   
4 1 GLN A 56 ? ? -107.43 -164.58 
5 1 GLN A 64 ? ? -118.29 50.19   
6 1 LEU A 65 ? ? 61.80   123.76  
7 1 GLN A 66 ? ? 62.71   -77.97  
8 1 SER A 89 ? ? 45.90   -90.98  
# 
_pdbx_nmr_ensemble.entry_id                                      1F7M 
_pdbx_nmr_ensemble.conformers_calculated_total_number            100 
_pdbx_nmr_ensemble.conformers_submitted_total_number             1 
_pdbx_nmr_ensemble.conformer_selection_criteria                  ? 
_pdbx_nmr_ensemble.average_constraints_per_residue               ? 
_pdbx_nmr_ensemble.average_constraint_violations_per_residue     ? 
_pdbx_nmr_ensemble.maximum_distance_constraint_violation         ? 
_pdbx_nmr_ensemble.average_distance_constraint_violation         ? 
_pdbx_nmr_ensemble.maximum_upper_distance_constraint_violation   ? 
_pdbx_nmr_ensemble.maximum_lower_distance_constraint_violation   ? 
_pdbx_nmr_ensemble.distance_constraint_violation_method          ? 
_pdbx_nmr_ensemble.maximum_torsion_angle_constraint_violation    ? 
_pdbx_nmr_ensemble.average_torsion_angle_constraint_violation    ? 
_pdbx_nmr_ensemble.torsion_angle_constraint_violation_method     ? 
# 
_pdbx_nmr_exptl_sample_conditions.conditions_id       1 
_pdbx_nmr_exptl_sample_conditions.temperature         298 
_pdbx_nmr_exptl_sample_conditions.pressure            1 
_pdbx_nmr_exptl_sample_conditions.pH                  5.5 
_pdbx_nmr_exptl_sample_conditions.ionic_strength      400mM 
_pdbx_nmr_exptl_sample_conditions.pressure_units      atm 
_pdbx_nmr_exptl_sample_conditions.temperature_units   K 
# 
loop_
_pdbx_nmr_exptl.experiment_id 
_pdbx_nmr_exptl.conditions_id 
_pdbx_nmr_exptl.type 
_pdbx_nmr_exptl.solution_id 
1 1 DQF-COSY               1 
2 1 2Q                     1 
3 1 TOCSY                  1 
4 1 NOESY                  1 
5 1 '1H-15N HSQC'          1 
6 1 '3D 1H-15N NOESY-HSQC' 1 
7 1 '3D 1H-15N TOCSY-HSQC' 1 
# 
_pdbx_nmr_details.entry_id   1F7M 
_pdbx_nmr_details.text       'DETAILS ARE INCLUDED IN THE PUBLICATION.' 
# 
_pdbx_nmr_refine.entry_id           1F7M 
_pdbx_nmr_refine.method             'HYBRID DISTANCE GEOMETRY - SIMULATED ANNEALING' 
_pdbx_nmr_refine.details            'REFINEMENT DETAILS CAN BE FOUND IN THE JRNL CITATION ABOVE.' 
_pdbx_nmr_refine.software_ordinal   1 
# 
loop_
_pdbx_nmr_software.classification 
_pdbx_nmr_software.name 
_pdbx_nmr_software.version 
_pdbx_nmr_software.authors 
_pdbx_nmr_software.ordinal 
refinement           X-PLOR 3.851 BRUNGER 1 
'structure solution' Felix  ?     ?       2 
'structure solution' X-PLOR ?     ?       3 
# 
loop_
_chem_comp_atom.comp_id 
_chem_comp_atom.atom_id 
_chem_comp_atom.type_symbol 
_chem_comp_atom.pdbx_aromatic_flag 
_chem_comp_atom.pdbx_stereo_config 
_chem_comp_atom.pdbx_ordinal 
ALA N    N N N 1   
ALA CA   C N S 2   
ALA C    C N N 3   
ALA O    O N N 4   
ALA CB   C N N 5   
ALA OXT  O N N 6   
ALA H    H N N 7   
ALA H2   H N N 8   
ALA HA   H N N 9   
ALA HB1  H N N 10  
ALA HB2  H N N 11  
ALA HB3  H N N 12  
ALA HXT  H N N 13  
ARG N    N N N 14  
ARG CA   C N S 15  
ARG C    C N N 16  
ARG O    O N N 17  
ARG CB   C N N 18  
ARG CG   C N N 19  
ARG CD   C N N 20  
ARG NE   N N N 21  
ARG CZ   C N N 22  
ARG NH1  N N N 23  
ARG NH2  N N N 24  
ARG OXT  O N N 25  
ARG H    H N N 26  
ARG H2   H N N 27  
ARG HA   H N N 28  
ARG HB2  H N N 29  
ARG HB3  H N N 30  
ARG HG2  H N N 31  
ARG HG3  H N N 32  
ARG HD2  H N N 33  
ARG HD3  H N N 34  
ARG HE   H N N 35  
ARG HH11 H N N 36  
ARG HH12 H N N 37  
ARG HH21 H N N 38  
ARG HH22 H N N 39  
ARG HXT  H N N 40  
ASN N    N N N 41  
ASN CA   C N S 42  
ASN C    C N N 43  
ASN O    O N N 44  
ASN CB   C N N 45  
ASN CG   C N N 46  
ASN OD1  O N N 47  
ASN ND2  N N N 48  
ASN OXT  O N N 49  
ASN H    H N N 50  
ASN H2   H N N 51  
ASN HA   H N N 52  
ASN HB2  H N N 53  
ASN HB3  H N N 54  
ASN HD21 H N N 55  
ASN HD22 H N N 56  
ASN HXT  H N N 57  
ASP N    N N N 58  
ASP CA   C N S 59  
ASP C    C N N 60  
ASP O    O N N 61  
ASP CB   C N N 62  
ASP CG   C N N 63  
ASP OD1  O N N 64  
ASP OD2  O N N 65  
ASP OXT  O N N 66  
ASP H    H N N 67  
ASP H2   H N N 68  
ASP HA   H N N 69  
ASP HB2  H N N 70  
ASP HB3  H N N 71  
ASP HD2  H N N 72  
ASP HXT  H N N 73  
CYS N    N N N 74  
CYS CA   C N R 75  
CYS C    C N N 76  
CYS O    O N N 77  
CYS CB   C N N 78  
CYS SG   S N N 79  
CYS OXT  O N N 80  
CYS H    H N N 81  
CYS H2   H N N 82  
CYS HA   H N N 83  
CYS HB2  H N N 84  
CYS HB3  H N N 85  
CYS HG   H N N 86  
CYS HXT  H N N 87  
GLN N    N N N 88  
GLN CA   C N S 89  
GLN C    C N N 90  
GLN O    O N N 91  
GLN CB   C N N 92  
GLN CG   C N N 93  
GLN CD   C N N 94  
GLN OE1  O N N 95  
GLN NE2  N N N 96  
GLN OXT  O N N 97  
GLN H    H N N 98  
GLN H2   H N N 99  
GLN HA   H N N 100 
GLN HB2  H N N 101 
GLN HB3  H N N 102 
GLN HG2  H N N 103 
GLN HG3  H N N 104 
GLN HE21 H N N 105 
GLN HE22 H N N 106 
GLN HXT  H N N 107 
GLU N    N N N 108 
GLU CA   C N S 109 
GLU C    C N N 110 
GLU O    O N N 111 
GLU CB   C N N 112 
GLU CG   C N N 113 
GLU CD   C N N 114 
GLU OE1  O N N 115 
GLU OE2  O N N 116 
GLU OXT  O N N 117 
GLU H    H N N 118 
GLU H2   H N N 119 
GLU HA   H N N 120 
GLU HB2  H N N 121 
GLU HB3  H N N 122 
GLU HG2  H N N 123 
GLU HG3  H N N 124 
GLU HE2  H N N 125 
GLU HXT  H N N 126 
GLY N    N N N 127 
GLY CA   C N N 128 
GLY C    C N N 129 
GLY O    O N N 130 
GLY OXT  O N N 131 
GLY H    H N N 132 
GLY H2   H N N 133 
GLY HA2  H N N 134 
GLY HA3  H N N 135 
GLY HXT  H N N 136 
HIS N    N N N 137 
HIS CA   C N S 138 
HIS C    C N N 139 
HIS O    O N N 140 
HIS CB   C N N 141 
HIS CG   C Y N 142 
HIS ND1  N Y N 143 
HIS CD2  C Y N 144 
HIS CE1  C Y N 145 
HIS NE2  N Y N 146 
HIS OXT  O N N 147 
HIS H    H N N 148 
HIS H2   H N N 149 
HIS HA   H N N 150 
HIS HB2  H N N 151 
HIS HB3  H N N 152 
HIS HD1  H N N 153 
HIS HD2  H N N 154 
HIS HE1  H N N 155 
HIS HE2  H N N 156 
HIS HXT  H N N 157 
ILE N    N N N 158 
ILE CA   C N S 159 
ILE C    C N N 160 
ILE O    O N N 161 
ILE CB   C N S 162 
ILE CG1  C N N 163 
ILE CG2  C N N 164 
ILE CD1  C N N 165 
ILE OXT  O N N 166 
ILE H    H N N 167 
ILE H2   H N N 168 
ILE HA   H N N 169 
ILE HB   H N N 170 
ILE HG12 H N N 171 
ILE HG13 H N N 172 
ILE HG21 H N N 173 
ILE HG22 H N N 174 
ILE HG23 H N N 175 
ILE HD11 H N N 176 
ILE HD12 H N N 177 
ILE HD13 H N N 178 
ILE HXT  H N N 179 
LEU N    N N N 180 
LEU CA   C N S 181 
LEU C    C N N 182 
LEU O    O N N 183 
LEU CB   C N N 184 
LEU CG   C N N 185 
LEU CD1  C N N 186 
LEU CD2  C N N 187 
LEU OXT  O N N 188 
LEU H    H N N 189 
LEU H2   H N N 190 
LEU HA   H N N 191 
LEU HB2  H N N 192 
LEU HB3  H N N 193 
LEU HG   H N N 194 
LEU HD11 H N N 195 
LEU HD12 H N N 196 
LEU HD13 H N N 197 
LEU HD21 H N N 198 
LEU HD22 H N N 199 
LEU HD23 H N N 200 
LEU HXT  H N N 201 
LYS N    N N N 202 
LYS CA   C N S 203 
LYS C    C N N 204 
LYS O    O N N 205 
LYS CB   C N N 206 
LYS CG   C N N 207 
LYS CD   C N N 208 
LYS CE   C N N 209 
LYS NZ   N N N 210 
LYS OXT  O N N 211 
LYS H    H N N 212 
LYS H2   H N N 213 
LYS HA   H N N 214 
LYS HB2  H N N 215 
LYS HB3  H N N 216 
LYS HG2  H N N 217 
LYS HG3  H N N 218 
LYS HD2  H N N 219 
LYS HD3  H N N 220 
LYS HE2  H N N 221 
LYS HE3  H N N 222 
LYS HZ1  H N N 223 
LYS HZ2  H N N 224 
LYS HZ3  H N N 225 
LYS HXT  H N N 226 
PHE N    N N N 227 
PHE CA   C N S 228 
PHE C    C N N 229 
PHE O    O N N 230 
PHE CB   C N N 231 
PHE CG   C Y N 232 
PHE CD1  C Y N 233 
PHE CD2  C Y N 234 
PHE CE1  C Y N 235 
PHE CE2  C Y N 236 
PHE CZ   C Y N 237 
PHE OXT  O N N 238 
PHE H    H N N 239 
PHE H2   H N N 240 
PHE HA   H N N 241 
PHE HB2  H N N 242 
PHE HB3  H N N 243 
PHE HD1  H N N 244 
PHE HD2  H N N 245 
PHE HE1  H N N 246 
PHE HE2  H N N 247 
PHE HZ   H N N 248 
PHE HXT  H N N 249 
PRO N    N N N 250 
PRO CA   C N S 251 
PRO C    C N N 252 
PRO O    O N N 253 
PRO CB   C N N 254 
PRO CG   C N N 255 
PRO CD   C N N 256 
PRO OXT  O N N 257 
PRO H    H N N 258 
PRO HA   H N N 259 
PRO HB2  H N N 260 
PRO HB3  H N N 261 
PRO HG2  H N N 262 
PRO HG3  H N N 263 
PRO HD2  H N N 264 
PRO HD3  H N N 265 
PRO HXT  H N N 266 
SER N    N N N 267 
SER CA   C N S 268 
SER C    C N N 269 
SER O    O N N 270 
SER CB   C N N 271 
SER OG   O N N 272 
SER OXT  O N N 273 
SER H    H N N 274 
SER H2   H N N 275 
SER HA   H N N 276 
SER HB2  H N N 277 
SER HB3  H N N 278 
SER HG   H N N 279 
SER HXT  H N N 280 
THR N    N N N 281 
THR CA   C N S 282 
THR C    C N N 283 
THR O    O N N 284 
THR CB   C N R 285 
THR OG1  O N N 286 
THR CG2  C N N 287 
THR OXT  O N N 288 
THR H    H N N 289 
THR H2   H N N 290 
THR HA   H N N 291 
THR HB   H N N 292 
THR HG1  H N N 293 
THR HG21 H N N 294 
THR HG22 H N N 295 
THR HG23 H N N 296 
THR HXT  H N N 297 
TYR N    N N N 298 
TYR CA   C N S 299 
TYR C    C N N 300 
TYR O    O N N 301 
TYR CB   C N N 302 
TYR CG   C Y N 303 
TYR CD1  C Y N 304 
TYR CD2  C Y N 305 
TYR CE1  C Y N 306 
TYR CE2  C Y N 307 
TYR CZ   C Y N 308 
TYR OH   O N N 309 
TYR OXT  O N N 310 
TYR H    H N N 311 
TYR H2   H N N 312 
TYR HA   H N N 313 
TYR HB2  H N N 314 
TYR HB3  H N N 315 
TYR HD1  H N N 316 
TYR HD2  H N N 317 
TYR HE1  H N N 318 
TYR HE2  H N N 319 
TYR HH   H N N 320 
TYR HXT  H N N 321 
# 
loop_
_chem_comp_bond.comp_id 
_chem_comp_bond.atom_id_1 
_chem_comp_bond.atom_id_2 
_chem_comp_bond.value_order 
_chem_comp_bond.pdbx_aromatic_flag 
_chem_comp_bond.pdbx_stereo_config 
_chem_comp_bond.pdbx_ordinal 
ALA N   CA   sing N N 1   
ALA N   H    sing N N 2   
ALA N   H2   sing N N 3   
ALA CA  C    sing N N 4   
ALA CA  CB   sing N N 5   
ALA CA  HA   sing N N 6   
ALA C   O    doub N N 7   
ALA C   OXT  sing N N 8   
ALA CB  HB1  sing N N 9   
ALA CB  HB2  sing N N 10  
ALA CB  HB3  sing N N 11  
ALA OXT HXT  sing N N 12  
ARG N   CA   sing N N 13  
ARG N   H    sing N N 14  
ARG N   H2   sing N N 15  
ARG CA  C    sing N N 16  
ARG CA  CB   sing N N 17  
ARG CA  HA   sing N N 18  
ARG C   O    doub N N 19  
ARG C   OXT  sing N N 20  
ARG CB  CG   sing N N 21  
ARG CB  HB2  sing N N 22  
ARG CB  HB3  sing N N 23  
ARG CG  CD   sing N N 24  
ARG CG  HG2  sing N N 25  
ARG CG  HG3  sing N N 26  
ARG CD  NE   sing N N 27  
ARG CD  HD2  sing N N 28  
ARG CD  HD3  sing N N 29  
ARG NE  CZ   sing N N 30  
ARG NE  HE   sing N N 31  
ARG CZ  NH1  sing N N 32  
ARG CZ  NH2  doub N N 33  
ARG NH1 HH11 sing N N 34  
ARG NH1 HH12 sing N N 35  
ARG NH2 HH21 sing N N 36  
ARG NH2 HH22 sing N N 37  
ARG OXT HXT  sing N N 38  
ASN N   CA   sing N N 39  
ASN N   H    sing N N 40  
ASN N   H2   sing N N 41  
ASN CA  C    sing N N 42  
ASN CA  CB   sing N N 43  
ASN CA  HA   sing N N 44  
ASN C   O    doub N N 45  
ASN C   OXT  sing N N 46  
ASN CB  CG   sing N N 47  
ASN CB  HB2  sing N N 48  
ASN CB  HB3  sing N N 49  
ASN CG  OD1  doub N N 50  
ASN CG  ND2  sing N N 51  
ASN ND2 HD21 sing N N 52  
ASN ND2 HD22 sing N N 53  
ASN OXT HXT  sing N N 54  
ASP N   CA   sing N N 55  
ASP N   H    sing N N 56  
ASP N   H2   sing N N 57  
ASP CA  C    sing N N 58  
ASP CA  CB   sing N N 59  
ASP CA  HA   sing N N 60  
ASP C   O    doub N N 61  
ASP C   OXT  sing N N 62  
ASP CB  CG   sing N N 63  
ASP CB  HB2  sing N N 64  
ASP CB  HB3  sing N N 65  
ASP CG  OD1  doub N N 66  
ASP CG  OD2  sing N N 67  
ASP OD2 HD2  sing N N 68  
ASP OXT HXT  sing N N 69  
CYS N   CA   sing N N 70  
CYS N   H    sing N N 71  
CYS N   H2   sing N N 72  
CYS CA  C    sing N N 73  
CYS CA  CB   sing N N 74  
CYS CA  HA   sing N N 75  
CYS C   O    doub N N 76  
CYS C   OXT  sing N N 77  
CYS CB  SG   sing N N 78  
CYS CB  HB2  sing N N 79  
CYS CB  HB3  sing N N 80  
CYS SG  HG   sing N N 81  
CYS OXT HXT  sing N N 82  
GLN N   CA   sing N N 83  
GLN N   H    sing N N 84  
GLN N   H2   sing N N 85  
GLN CA  C    sing N N 86  
GLN CA  CB   sing N N 87  
GLN CA  HA   sing N N 88  
GLN C   O    doub N N 89  
GLN C   OXT  sing N N 90  
GLN CB  CG   sing N N 91  
GLN CB  HB2  sing N N 92  
GLN CB  HB3  sing N N 93  
GLN CG  CD   sing N N 94  
GLN CG  HG2  sing N N 95  
GLN CG  HG3  sing N N 96  
GLN CD  OE1  doub N N 97  
GLN CD  NE2  sing N N 98  
GLN NE2 HE21 sing N N 99  
GLN NE2 HE22 sing N N 100 
GLN OXT HXT  sing N N 101 
GLU N   CA   sing N N 102 
GLU N   H    sing N N 103 
GLU N   H2   sing N N 104 
GLU CA  C    sing N N 105 
GLU CA  CB   sing N N 106 
GLU CA  HA   sing N N 107 
GLU C   O    doub N N 108 
GLU C   OXT  sing N N 109 
GLU CB  CG   sing N N 110 
GLU CB  HB2  sing N N 111 
GLU CB  HB3  sing N N 112 
GLU CG  CD   sing N N 113 
GLU CG  HG2  sing N N 114 
GLU CG  HG3  sing N N 115 
GLU CD  OE1  doub N N 116 
GLU CD  OE2  sing N N 117 
GLU OE2 HE2  sing N N 118 
GLU OXT HXT  sing N N 119 
GLY N   CA   sing N N 120 
GLY N   H    sing N N 121 
GLY N   H2   sing N N 122 
GLY CA  C    sing N N 123 
GLY CA  HA2  sing N N 124 
GLY CA  HA3  sing N N 125 
GLY C   O    doub N N 126 
GLY C   OXT  sing N N 127 
GLY OXT HXT  sing N N 128 
HIS N   CA   sing N N 129 
HIS N   H    sing N N 130 
HIS N   H2   sing N N 131 
HIS CA  C    sing N N 132 
HIS CA  CB   sing N N 133 
HIS CA  HA   sing N N 134 
HIS C   O    doub N N 135 
HIS C   OXT  sing N N 136 
HIS CB  CG   sing N N 137 
HIS CB  HB2  sing N N 138 
HIS CB  HB3  sing N N 139 
HIS CG  ND1  sing Y N 140 
HIS CG  CD2  doub Y N 141 
HIS ND1 CE1  doub Y N 142 
HIS ND1 HD1  sing N N 143 
HIS CD2 NE2  sing Y N 144 
HIS CD2 HD2  sing N N 145 
HIS CE1 NE2  sing Y N 146 
HIS CE1 HE1  sing N N 147 
HIS NE2 HE2  sing N N 148 
HIS OXT HXT  sing N N 149 
ILE N   CA   sing N N 150 
ILE N   H    sing N N 151 
ILE N   H2   sing N N 152 
ILE CA  C    sing N N 153 
ILE CA  CB   sing N N 154 
ILE CA  HA   sing N N 155 
ILE C   O    doub N N 156 
ILE C   OXT  sing N N 157 
ILE CB  CG1  sing N N 158 
ILE CB  CG2  sing N N 159 
ILE CB  HB   sing N N 160 
ILE CG1 CD1  sing N N 161 
ILE CG1 HG12 sing N N 162 
ILE CG1 HG13 sing N N 163 
ILE CG2 HG21 sing N N 164 
ILE CG2 HG22 sing N N 165 
ILE CG2 HG23 sing N N 166 
ILE CD1 HD11 sing N N 167 
ILE CD1 HD12 sing N N 168 
ILE CD1 HD13 sing N N 169 
ILE OXT HXT  sing N N 170 
LEU N   CA   sing N N 171 
LEU N   H    sing N N 172 
LEU N   H2   sing N N 173 
LEU CA  C    sing N N 174 
LEU CA  CB   sing N N 175 
LEU CA  HA   sing N N 176 
LEU C   O    doub N N 177 
LEU C   OXT  sing N N 178 
LEU CB  CG   sing N N 179 
LEU CB  HB2  sing N N 180 
LEU CB  HB3  sing N N 181 
LEU CG  CD1  sing N N 182 
LEU CG  CD2  sing N N 183 
LEU CG  HG   sing N N 184 
LEU CD1 HD11 sing N N 185 
LEU CD1 HD12 sing N N 186 
LEU CD1 HD13 sing N N 187 
LEU CD2 HD21 sing N N 188 
LEU CD2 HD22 sing N N 189 
LEU CD2 HD23 sing N N 190 
LEU OXT HXT  sing N N 191 
LYS N   CA   sing N N 192 
LYS N   H    sing N N 193 
LYS N   H2   sing N N 194 
LYS CA  C    sing N N 195 
LYS CA  CB   sing N N 196 
LYS CA  HA   sing N N 197 
LYS C   O    doub N N 198 
LYS C   OXT  sing N N 199 
LYS CB  CG   sing N N 200 
LYS CB  HB2  sing N N 201 
LYS CB  HB3  sing N N 202 
LYS CG  CD   sing N N 203 
LYS CG  HG2  sing N N 204 
LYS CG  HG3  sing N N 205 
LYS CD  CE   sing N N 206 
LYS CD  HD2  sing N N 207 
LYS CD  HD3  sing N N 208 
LYS CE  NZ   sing N N 209 
LYS CE  HE2  sing N N 210 
LYS CE  HE3  sing N N 211 
LYS NZ  HZ1  sing N N 212 
LYS NZ  HZ2  sing N N 213 
LYS NZ  HZ3  sing N N 214 
LYS OXT HXT  sing N N 215 
PHE N   CA   sing N N 216 
PHE N   H    sing N N 217 
PHE N   H2   sing N N 218 
PHE CA  C    sing N N 219 
PHE CA  CB   sing N N 220 
PHE CA  HA   sing N N 221 
PHE C   O    doub N N 222 
PHE C   OXT  sing N N 223 
PHE CB  CG   sing N N 224 
PHE CB  HB2  sing N N 225 
PHE CB  HB3  sing N N 226 
PHE CG  CD1  doub Y N 227 
PHE CG  CD2  sing Y N 228 
PHE CD1 CE1  sing Y N 229 
PHE CD1 HD1  sing N N 230 
PHE CD2 CE2  doub Y N 231 
PHE CD2 HD2  sing N N 232 
PHE CE1 CZ   doub Y N 233 
PHE CE1 HE1  sing N N 234 
PHE CE2 CZ   sing Y N 235 
PHE CE2 HE2  sing N N 236 
PHE CZ  HZ   sing N N 237 
PHE OXT HXT  sing N N 238 
PRO N   CA   sing N N 239 
PRO N   CD   sing N N 240 
PRO N   H    sing N N 241 
PRO CA  C    sing N N 242 
PRO CA  CB   sing N N 243 
PRO CA  HA   sing N N 244 
PRO C   O    doub N N 245 
PRO C   OXT  sing N N 246 
PRO CB  CG   sing N N 247 
PRO CB  HB2  sing N N 248 
PRO CB  HB3  sing N N 249 
PRO CG  CD   sing N N 250 
PRO CG  HG2  sing N N 251 
PRO CG  HG3  sing N N 252 
PRO CD  HD2  sing N N 253 
PRO CD  HD3  sing N N 254 
PRO OXT HXT  sing N N 255 
SER N   CA   sing N N 256 
SER N   H    sing N N 257 
SER N   H2   sing N N 258 
SER CA  C    sing N N 259 
SER CA  CB   sing N N 260 
SER CA  HA   sing N N 261 
SER C   O    doub N N 262 
SER C   OXT  sing N N 263 
SER CB  OG   sing N N 264 
SER CB  HB2  sing N N 265 
SER CB  HB3  sing N N 266 
SER OG  HG   sing N N 267 
SER OXT HXT  sing N N 268 
THR N   CA   sing N N 269 
THR N   H    sing N N 270 
THR N   H2   sing N N 271 
THR CA  C    sing N N 272 
THR CA  CB   sing N N 273 
THR CA  HA   sing N N 274 
THR C   O    doub N N 275 
THR C   OXT  sing N N 276 
THR CB  OG1  sing N N 277 
THR CB  CG2  sing N N 278 
THR CB  HB   sing N N 279 
THR OG1 HG1  sing N N 280 
THR CG2 HG21 sing N N 281 
THR CG2 HG22 sing N N 282 
THR CG2 HG23 sing N N 283 
THR OXT HXT  sing N N 284 
TYR N   CA   sing N N 285 
TYR N   H    sing N N 286 
TYR N   H2   sing N N 287 
TYR CA  C    sing N N 288 
TYR CA  CB   sing N N 289 
TYR CA  HA   sing N N 290 
TYR C   O    doub N N 291 
TYR C   OXT  sing N N 292 
TYR CB  CG   sing N N 293 
TYR CB  HB2  sing N N 294 
TYR CB  HB3  sing N N 295 
TYR CG  CD1  doub Y N 296 
TYR CG  CD2  sing Y N 297 
TYR CD1 CE1  sing Y N 298 
TYR CD1 HD1  sing N N 299 
TYR CD2 CE2  doub Y N 300 
TYR CD2 HD2  sing N N 301 
TYR CE1 CZ   doub Y N 302 
TYR CE1 HE1  sing N N 303 
TYR CE2 CZ   sing Y N 304 
TYR CE2 HE2  sing N N 305 
TYR CZ  OH   sing N N 306 
TYR OH  HH   sing N N 307 
TYR OXT HXT  sing N N 308 
# 
_pdbx_nmr_spectrometer.spectrometer_id   1 
_pdbx_nmr_spectrometer.model             'INOVA 500' 
_pdbx_nmr_spectrometer.manufacturer      Varian 
_pdbx_nmr_spectrometer.field_strength    500 
_pdbx_nmr_spectrometer.type              ? 
# 
_atom_sites.entry_id                    1F7M 
_atom_sites.fract_transf_matrix[1][1]   1.000000 
_atom_sites.fract_transf_matrix[1][2]   0.000000 
_atom_sites.fract_transf_matrix[1][3]   0.000000 
_atom_sites.fract_transf_matrix[2][1]   0.000000 
_atom_sites.fract_transf_matrix[2][2]   1.000000 
_atom_sites.fract_transf_matrix[2][3]   0.000000 
_atom_sites.fract_transf_matrix[3][1]   0.000000 
_atom_sites.fract_transf_matrix[3][2]   0.000000 
_atom_sites.fract_transf_matrix[3][3]   1.000000 
_atom_sites.fract_transf_vector[1]      0.00000 
_atom_sites.fract_transf_vector[2]      0.00000 
_atom_sites.fract_transf_vector[3]      0.00000 
# 
loop_
_atom_type.symbol 
C 
H 
N 
O 
S 
# 
loop_
_atom_site.group_PDB 
_atom_site.id 
_atom_site.type_symbol 
_atom_site.label_atom_id 
_atom_site.label_alt_id 
_atom_site.label_comp_id 
_atom_site.label_asym_id 
_atom_site.label_entity_id 
_atom_site.label_seq_id 
_atom_site.pdbx_PDB_ins_code 
_atom_site.Cartn_x 
_atom_site.Cartn_y 
_atom_site.Cartn_z 
_atom_site.occupancy 
_atom_site.B_iso_or_equiv 
_atom_site.pdbx_formal_charge 
_atom_site.auth_seq_id 
_atom_site.auth_comp_id 
_atom_site.auth_asym_id 
_atom_site.auth_atom_id 
_atom_site.pdbx_PDB_model_num 
ATOM 1   N N    . SER A 1 1  ? -17.681 6.929   -1.911  1.00 5.14  ? 45 SER A N    1 
ATOM 2   C CA   . SER A 1 1  ? -16.922 5.667   -1.675  1.00 4.44  ? 45 SER A CA   1 
ATOM 3   C C    . SER A 1 1  ? -17.457 4.551   -2.578  1.00 3.38  ? 45 SER A C    1 
ATOM 4   O O    . SER A 1 1  ? -18.604 4.566   -2.982  1.00 3.54  ? 45 SER A O    1 
ATOM 5   C CB   . SER A 1 1  ? -17.167 5.329   -0.204  1.00 5.10  ? 45 SER A CB   1 
ATOM 6   O OG   . SER A 1 1  ? -16.768 6.428   0.603   1.00 5.84  ? 45 SER A OG   1 
ATOM 7   H H1   . SER A 1 1  ? -17.701 7.135   -2.930  1.00 5.43  ? 45 SER A H1   1 
ATOM 8   H H2   . SER A 1 1  ? -18.654 6.820   -1.559  1.00 5.46  ? 45 SER A H2   1 
ATOM 9   H H3   . SER A 1 1  ? -17.215 7.712   -1.411  1.00 5.41  ? 45 SER A H3   1 
ATOM 10  H HA   . SER A 1 1  ? -15.870 5.822   -1.847  1.00 4.70  ? 45 SER A HA   1 
ATOM 11  H HB2  . SER A 1 1  ? -18.215 5.135   -0.047  1.00 5.38  ? 45 SER A HB2  1 
ATOM 12  H HB3  . SER A 1 1  ? -16.596 4.448   0.061   1.00 5.16  ? 45 SER A HB3  1 
ATOM 13  H HG   . SER A 1 1  ? -15.862 6.651   0.373   1.00 6.35  ? 45 SER A HG   1 
ATOM 14  N N    . ASP A 1 2  ? -16.630 3.587   -2.894  1.00 2.68  ? 46 ASP A N    1 
ATOM 15  C CA   . ASP A 1 2  ? -17.080 2.464   -3.771  1.00 1.92  ? 46 ASP A CA   1 
ATOM 16  C C    . ASP A 1 2  ? -16.429 1.153   -3.327  1.00 1.47  ? 46 ASP A C    1 
ATOM 17  O O    . ASP A 1 2  ? -15.443 0.717   -3.893  1.00 1.89  ? 46 ASP A O    1 
ATOM 18  C CB   . ASP A 1 2  ? -16.611 2.847   -5.176  1.00 2.06  ? 46 ASP A CB   1 
ATOM 19  C CG   . ASP A 1 2  ? -17.165 1.847   -6.190  1.00 2.75  ? 46 ASP A CG   1 
ATOM 20  O OD1  . ASP A 1 2  ? -16.703 0.717   -6.192  1.00 3.26  ? 46 ASP A OD1  1 
ATOM 21  O OD2  . ASP A 1 2  ? -18.042 2.226   -6.949  1.00 3.39  ? 46 ASP A OD2  1 
ATOM 22  H H    . ASP A 1 2  ? -15.711 3.601   -2.553  1.00 3.02  ? 46 ASP A H    1 
ATOM 23  H HA   . ASP A 1 2  ? -18.154 2.379   -3.753  1.00 2.35  ? 46 ASP A HA   1 
ATOM 24  H HB2  . ASP A 1 2  ? -16.965 3.840   -5.416  1.00 2.52  ? 46 ASP A HB2  1 
ATOM 25  H HB3  . ASP A 1 2  ? -15.532 2.834   -5.211  1.00 2.17  ? 46 ASP A HB3  1 
ATOM 26  N N    . GLY A 1 3  ? -16.974 0.523   -2.318  1.00 1.47  ? 47 GLY A N    1 
ATOM 27  C CA   . GLY A 1 3  ? -16.395 -0.763  -1.827  1.00 1.50  ? 47 GLY A CA   1 
ATOM 28  C C    . GLY A 1 3  ? -15.598 -0.510  -0.546  1.00 1.38  ? 47 GLY A C    1 
ATOM 29  O O    . GLY A 1 3  ? -15.151 0.593   -0.292  1.00 1.60  ? 47 GLY A O    1 
ATOM 30  H H    . GLY A 1 3  ? -17.767 0.898   -1.880  1.00 2.00  ? 47 GLY A H    1 
ATOM 31  H HA2  . GLY A 1 3  ? -17.194 -1.462  -1.625  1.00 1.79  ? 47 GLY A HA2  1 
ATOM 32  H HA3  . GLY A 1 3  ? -15.739 -1.173  -2.580  1.00 1.90  ? 47 GLY A HA3  1 
ATOM 33  N N    . ASP A 1 4  ? -15.419 -1.524  0.261   1.00 1.31  ? 48 ASP A N    1 
ATOM 34  C CA   . ASP A 1 4  ? -14.651 -1.353  1.530   1.00 1.41  ? 48 ASP A CA   1 
ATOM 35  C C    . ASP A 1 4  ? -13.164 -1.629  1.289   1.00 1.09  ? 48 ASP A C    1 
ATOM 36  O O    . ASP A 1 4  ? -12.659 -2.688  1.614   1.00 1.23  ? 48 ASP A O    1 
ATOM 37  C CB   . ASP A 1 4  ? -15.242 -2.390  2.490   1.00 1.94  ? 48 ASP A CB   1 
ATOM 38  C CG   . ASP A 1 4  ? -16.179 -1.699  3.484   1.00 2.53  ? 48 ASP A CG   1 
ATOM 39  O OD1  . ASP A 1 4  ? -17.233 -1.251  3.060   1.00 3.17  ? 48 ASP A OD1  1 
ATOM 40  O OD2  . ASP A 1 4  ? -15.828 -1.629  4.650   1.00 2.82  ? 48 ASP A OD2  1 
ATOM 41  H H    . ASP A 1 4  ? -15.791 -2.402  0.031   1.00 1.41  ? 48 ASP A H    1 
ATOM 42  H HA   . ASP A 1 4  ? -14.792 -0.360  1.925   1.00 1.56  ? 48 ASP A HA   1 
ATOM 43  H HB2  . ASP A 1 4  ? -15.795 -3.128  1.927   1.00 2.05  ? 48 ASP A HB2  1 
ATOM 44  H HB3  . ASP A 1 4  ? -14.444 -2.875  3.030   1.00 2.07  ? 48 ASP A HB3  1 
ATOM 45  N N    . GLN A 1 5  ? -12.462 -0.682  0.719   1.00 0.84  ? 49 GLN A N    1 
ATOM 46  C CA   . GLN A 1 5  ? -11.007 -0.878  0.453   1.00 0.63  ? 49 GLN A CA   1 
ATOM 47  C C    . GLN A 1 5  ? -10.180 -0.386  1.643   1.00 0.53  ? 49 GLN A C    1 
ATOM 48  O O    . GLN A 1 5  ? -9.449  -1.142  2.257   1.00 0.58  ? 49 GLN A O    1 
ATOM 49  C CB   . GLN A 1 5  ? -10.713 -0.034  -0.787  1.00 0.60  ? 49 GLN A CB   1 
ATOM 50  C CG   . GLN A 1 5  ? -11.272 -0.734  -2.027  1.00 0.72  ? 49 GLN A CG   1 
ATOM 51  C CD   . GLN A 1 5  ? -12.783 -0.511  -2.103  1.00 1.74  ? 49 GLN A CD   1 
ATOM 52  O OE1  . GLN A 1 5  ? -13.545 -1.454  -2.195  1.00 2.55  ? 49 GLN A OE1  1 
ATOM 53  N NE2  . GLN A 1 5  ? -13.253 0.707   -2.070  1.00 2.39  ? 49 GLN A NE2  1 
ATOM 54  H H    . GLN A 1 5  ? -12.896 0.161   0.468   1.00 0.96  ? 49 GLN A H    1 
ATOM 55  H HA   . GLN A 1 5  ? -10.795 -1.914  0.249   1.00 0.81  ? 49 GLN A HA   1 
ATOM 56  H HB2  . GLN A 1 5  ? -11.176 0.937   -0.681  1.00 0.69  ? 49 GLN A HB2  1 
ATOM 57  H HB3  . GLN A 1 5  ? -9.646  0.086   -0.895  1.00 0.68  ? 49 GLN A HB3  1 
ATOM 58  H HG2  . GLN A 1 5  ? -10.802 -0.328  -2.912  1.00 0.87  ? 49 GLN A HG2  1 
ATOM 59  H HG3  . GLN A 1 5  ? -11.070 -1.793  -1.965  1.00 1.17  ? 49 GLN A HG3  1 
ATOM 60  H HE21 . GLN A 1 5  ? -12.640 1.466   -1.996  1.00 2.53  ? 49 GLN A HE21 1 
ATOM 61  H HE22 . GLN A 1 5  ? -14.220 0.860   -2.119  1.00 3.11  ? 49 GLN A HE22 1 
ATOM 62  N N    . CYS A 1 6  ? -10.294 0.876   1.974   1.00 0.52  ? 50 CYS A N    1 
ATOM 63  C CA   . CYS A 1 6  ? -9.519  1.427   3.126   1.00 0.50  ? 50 CYS A CA   1 
ATOM 64  C C    . CYS A 1 6  ? -10.365 1.382   4.402   1.00 0.55  ? 50 CYS A C    1 
ATOM 65  O O    . CYS A 1 6  ? -10.482 2.363   5.112   1.00 0.77  ? 50 CYS A O    1 
ATOM 66  C CB   . CYS A 1 6  ? -9.208  2.872   2.736   1.00 0.60  ? 50 CYS A CB   1 
ATOM 67  S SG   . CYS A 1 6  ? -7.953  3.542   3.855   1.00 0.99  ? 50 CYS A SG   1 
ATOM 68  H H    . CYS A 1 6  ? -10.890 1.461   1.463   1.00 0.62  ? 50 CYS A H    1 
ATOM 69  H HA   . CYS A 1 6  ? -8.602  0.876   3.262   1.00 0.46  ? 50 CYS A HA   1 
ATOM 70  H HB2  . CYS A 1 6  ? -8.837  2.900   1.723   1.00 1.10  ? 50 CYS A HB2  1 
ATOM 71  H HB3  . CYS A 1 6  ? -10.107 3.466   2.807   1.00 1.32  ? 50 CYS A HB3  1 
ATOM 72  N N    . ALA A 1 7  ? -10.955 0.251   4.692   1.00 0.52  ? 51 ALA A N    1 
ATOM 73  C CA   . ALA A 1 7  ? -11.798 0.132   5.920   1.00 0.59  ? 51 ALA A CA   1 
ATOM 74  C C    . ALA A 1 7  ? -10.932 -0.249  7.125   1.00 0.55  ? 51 ALA A C    1 
ATOM 75  O O    . ALA A 1 7  ? -10.816 0.499   8.076   1.00 0.80  ? 51 ALA A O    1 
ATOM 76  C CB   . ALA A 1 7  ? -12.799 -0.980  5.606   1.00 0.79  ? 51 ALA A CB   1 
ATOM 77  H H    . ALA A 1 7  ? -10.843 -0.522  4.101   1.00 0.60  ? 51 ALA A H    1 
ATOM 78  H HA   . ALA A 1 7  ? -12.320 1.056   6.108   1.00 0.74  ? 51 ALA A HA   1 
ATOM 79  H HB1  . ALA A 1 7  ? -12.277 -1.824  5.179   1.00 1.36  ? 51 ALA A HB1  1 
ATOM 80  H HB2  . ALA A 1 7  ? -13.293 -1.286  6.516   1.00 1.27  ? 51 ALA A HB2  1 
ATOM 81  H HB3  . ALA A 1 7  ? -13.532 -0.615  4.902   1.00 1.34  ? 51 ALA A HB3  1 
ATOM 82  N N    . SER A 1 8  ? -10.327 -1.409  7.088   1.00 0.56  ? 52 SER A N    1 
ATOM 83  C CA   . SER A 1 8  ? -9.467  -1.848  8.228   1.00 0.72  ? 52 SER A CA   1 
ATOM 84  C C    . SER A 1 8  ? -7.995  -1.546  7.932   1.00 0.63  ? 52 SER A C    1 
ATOM 85  O O    . SER A 1 8  ? -7.107  -2.223  8.414   1.00 0.74  ? 52 SER A O    1 
ATOM 86  C CB   . SER A 1 8  ? -9.694  -3.356  8.336   1.00 0.98  ? 52 SER A CB   1 
ATOM 87  O OG   . SER A 1 8  ? -11.056 -3.604  8.654   1.00 1.70  ? 52 SER A OG   1 
ATOM 88  H H    . SER A 1 8  ? -10.439 -1.992  6.309   1.00 0.70  ? 52 SER A H    1 
ATOM 89  H HA   . SER A 1 8  ? -9.777  -1.364  9.140   1.00 0.85  ? 52 SER A HA   1 
ATOM 90  H HB2  . SER A 1 8  ? -9.459  -3.824  7.394   1.00 1.50  ? 52 SER A HB2  1 
ATOM 91  H HB3  . SER A 1 8  ? -9.053  -3.761  9.108   1.00 1.40  ? 52 SER A HB3  1 
ATOM 92  H HG   . SER A 1 8  ? -11.136 -3.633  9.612   1.00 1.97  ? 52 SER A HG   1 
ATOM 93  N N    . SER A 1 9  ? -7.733  -0.532  7.142   1.00 0.55  ? 53 SER A N    1 
ATOM 94  C CA   . SER A 1 9  ? -6.317  -0.168  6.801   1.00 0.59  ? 53 SER A CA   1 
ATOM 95  C C    . SER A 1 9  ? -5.548  -1.393  6.272   1.00 0.50  ? 53 SER A C    1 
ATOM 96  O O    . SER A 1 9  ? -4.780  -1.994  6.998   1.00 0.61  ? 53 SER A O    1 
ATOM 97  C CB   . SER A 1 9  ? -5.700  0.332   8.110   1.00 0.84  ? 53 SER A CB   1 
ATOM 98  O OG   . SER A 1 9  ? -4.451  0.949   7.834   1.00 1.70  ? 53 SER A OG   1 
ATOM 99  H H    . SER A 1 9  ? -8.471  -0.005  6.770   1.00 0.56  ? 53 SER A H    1 
ATOM 100 H HA   . SER A 1 9  ? -6.305  0.624   6.068   1.00 0.63  ? 53 SER A HA   1 
ATOM 101 H HB2  . SER A 1 9  ? -6.358  1.051   8.568   1.00 1.47  ? 53 SER A HB2  1 
ATOM 102 H HB3  . SER A 1 9  ? -5.560  -0.503  8.783   1.00 1.14  ? 53 SER A HB3  1 
ATOM 103 H HG   . SER A 1 9  ? -3.853  0.745   8.556   1.00 1.97  ? 53 SER A HG   1 
ATOM 104 N N    . PRO A 1 10 ? -5.774  -1.728  5.020   1.00 0.39  ? 54 PRO A N    1 
ATOM 105 C CA   . PRO A 1 10 ? -5.078  -2.894  4.418   1.00 0.44  ? 54 PRO A CA   1 
ATOM 106 C C    . PRO A 1 10 ? -3.596  -2.577  4.172   1.00 0.46  ? 54 PRO A C    1 
ATOM 107 O O    . PRO A 1 10 ? -2.783  -3.471  4.027   1.00 0.55  ? 54 PRO A O    1 
ATOM 108 C CB   . PRO A 1 10 ? -5.812  -3.111  3.097   1.00 0.44  ? 54 PRO A CB   1 
ATOM 109 C CG   . PRO A 1 10 ? -6.400  -1.780  2.757   1.00 0.38  ? 54 PRO A CG   1 
ATOM 110 C CD   . PRO A 1 10 ? -6.679  -1.075  4.057   1.00 0.37  ? 54 PRO A CD   1 
ATOM 111 H HA   . PRO A 1 10 ? -5.183  -3.765  5.045   1.00 0.55  ? 54 PRO A HA   1 
ATOM 112 H HB2  . PRO A 1 10 ? -5.117  -3.427  2.331   1.00 0.50  ? 54 PRO A HB2  1 
ATOM 113 H HB3  . PRO A 1 10 ? -6.596  -3.841  3.219   1.00 0.52  ? 54 PRO A HB3  1 
ATOM 114 H HG2  . PRO A 1 10 ? -5.697  -1.208  2.166   1.00 0.38  ? 54 PRO A HG2  1 
ATOM 115 H HG3  . PRO A 1 10 ? -7.320  -1.912  2.210   1.00 0.46  ? 54 PRO A HG3  1 
ATOM 116 H HD2  . PRO A 1 10 ? -6.449  -0.022  3.972   1.00 0.42  ? 54 PRO A HD2  1 
ATOM 117 H HD3  . PRO A 1 10 ? -7.704  -1.219  4.355   1.00 0.41  ? 54 PRO A HD3  1 
ATOM 118 N N    . CYS A 1 11 ? -3.240  -1.316  4.121   1.00 0.42  ? 55 CYS A N    1 
ATOM 119 C CA   . CYS A 1 11 ? -1.810  -0.942  3.881   1.00 0.48  ? 55 CYS A CA   1 
ATOM 120 C C    . CYS A 1 11 ? -0.921  -1.515  4.990   1.00 0.48  ? 55 CYS A C    1 
ATOM 121 O O    . CYS A 1 11 ? -1.207  -1.367  6.163   1.00 0.77  ? 55 CYS A O    1 
ATOM 122 C CB   . CYS A 1 11 ? -1.775  0.589   3.910   1.00 0.56  ? 55 CYS A CB   1 
ATOM 123 S SG   . CYS A 1 11 ? -2.848  1.256   2.610   1.00 0.75  ? 55 CYS A SG   1 
ATOM 124 H H    . CYS A 1 11 ? -3.914  -0.614  4.239   1.00 0.39  ? 55 CYS A H    1 
ATOM 125 H HA   . CYS A 1 11 ? -1.486  -1.301  2.917   1.00 0.58  ? 55 CYS A HA   1 
ATOM 126 H HB2  . CYS A 1 11 ? -2.120  0.938   4.872   1.00 0.57  ? 55 CYS A HB2  1 
ATOM 127 H HB3  . CYS A 1 11 ? -0.762  0.928   3.747   1.00 0.60  ? 55 CYS A HB3  1 
ATOM 128 N N    . GLN A 1 12 ? 0.154   -2.168  4.625   1.00 0.32  ? 56 GLN A N    1 
ATOM 129 C CA   . GLN A 1 12 ? 1.066   -2.756  5.653   1.00 0.40  ? 56 GLN A CA   1 
ATOM 130 C C    . GLN A 1 12 ? 2.367   -1.951  5.739   1.00 0.35  ? 56 GLN A C    1 
ATOM 131 O O    . GLN A 1 12 ? 2.456   -0.840  5.251   1.00 0.39  ? 56 GLN A O    1 
ATOM 132 C CB   . GLN A 1 12 ? 1.347   -4.177  5.164   1.00 0.62  ? 56 GLN A CB   1 
ATOM 133 C CG   . GLN A 1 12 ? 1.456   -5.122  6.363   1.00 0.91  ? 56 GLN A CG   1 
ATOM 134 C CD   . GLN A 1 12 ? 0.108   -5.807  6.598   1.00 1.33  ? 56 GLN A CD   1 
ATOM 135 O OE1  . GLN A 1 12 ? -0.506  -5.626  7.631   1.00 2.12  ? 56 GLN A OE1  1 
ATOM 136 N NE2  . GLN A 1 12 ? -0.381  -6.592  5.676   1.00 1.43  ? 56 GLN A NE2  1 
ATOM 137 H H    . GLN A 1 12 ? 0.360   -2.274  3.673   1.00 0.40  ? 56 GLN A H    1 
ATOM 138 H HA   . GLN A 1 12 ? 0.579   -2.789  6.614   1.00 0.47  ? 56 GLN A HA   1 
ATOM 139 H HB2  . GLN A 1 12 ? 0.543   -4.501  4.519   1.00 1.36  ? 56 GLN A HB2  1 
ATOM 140 H HB3  . GLN A 1 12 ? 2.277   -4.190  4.613   1.00 1.30  ? 56 GLN A HB3  1 
ATOM 141 H HG2  . GLN A 1 12 ? 2.210   -5.869  6.163   1.00 1.57  ? 56 GLN A HG2  1 
ATOM 142 H HG3  . GLN A 1 12 ? 1.730   -4.559  7.242   1.00 1.69  ? 56 GLN A HG3  1 
ATOM 143 H HE21 . GLN A 1 12 ? 0.114   -6.738  4.843   1.00 1.19  ? 56 GLN A HE21 1 
ATOM 144 H HE22 . GLN A 1 12 ? -1.245  -7.035  5.819   1.00 2.07  ? 56 GLN A HE22 1 
ATOM 145 N N    . ASN A 1 13 ? 3.381   -2.510  6.359   1.00 0.38  ? 57 ASN A N    1 
ATOM 146 C CA   . ASN A 1 13 ? 4.694   -1.798  6.490   1.00 0.42  ? 57 ASN A CA   1 
ATOM 147 C C    . ASN A 1 13 ? 4.506   -0.402  7.101   1.00 0.44  ? 57 ASN A C    1 
ATOM 148 O O    . ASN A 1 13 ? 5.302   0.490   6.882   1.00 0.59  ? 57 ASN A O    1 
ATOM 149 C CB   . ASN A 1 13 ? 5.248   -1.694  5.066   1.00 0.56  ? 57 ASN A CB   1 
ATOM 150 C CG   . ASN A 1 13 ? 5.897   -3.023  4.672   1.00 0.73  ? 57 ASN A CG   1 
ATOM 151 O OD1  . ASN A 1 13 ? 6.310   -3.788  5.521   1.00 1.52  ? 57 ASN A OD1  1 
ATOM 152 N ND2  . ASN A 1 13 ? 6.005   -3.334  3.409   1.00 0.72  ? 57 ASN A ND2  1 
ATOM 153 H H    . ASN A 1 13 ? 3.278   -3.407  6.739   1.00 0.43  ? 57 ASN A H    1 
ATOM 154 H HA   . ASN A 1 13 ? 5.369   -2.379  7.100   1.00 0.47  ? 57 ASN A HA   1 
ATOM 155 H HB2  . ASN A 1 13 ? 4.443   -1.468  4.382   1.00 0.67  ? 57 ASN A HB2  1 
ATOM 156 H HB3  . ASN A 1 13 ? 5.988   -0.909  5.024   1.00 0.59  ? 57 ASN A HB3  1 
ATOM 157 H HD21 . ASN A 1 13 ? 5.672   -2.719  2.724   1.00 1.26  ? 57 ASN A HD21 1 
ATOM 158 H HD22 . ASN A 1 13 ? 6.418   -4.182  3.147   1.00 0.73  ? 57 ASN A HD22 1 
ATOM 159 N N    . GLY A 1 14 ? 3.461   -0.215  7.868   1.00 0.43  ? 58 GLY A N    1 
ATOM 160 C CA   . GLY A 1 14 ? 3.219   1.115   8.500   1.00 0.55  ? 58 GLY A CA   1 
ATOM 161 C C    . GLY A 1 14 ? 3.007   2.173   7.415   1.00 0.52  ? 58 GLY A C    1 
ATOM 162 O O    . GLY A 1 14 ? 3.507   3.278   7.510   1.00 0.66  ? 58 GLY A O    1 
ATOM 163 H H    . GLY A 1 14 ? 2.837   -0.954  8.029   1.00 0.44  ? 58 GLY A H    1 
ATOM 164 H HA2  . GLY A 1 14 ? 2.340   1.060   9.127   1.00 0.60  ? 58 GLY A HA2  1 
ATOM 165 H HA3  . GLY A 1 14 ? 4.072   1.389   9.102   1.00 0.70  ? 58 GLY A HA3  1 
ATOM 166 N N    . GLY A 1 15 ? 2.268   1.839   6.389   1.00 0.46  ? 59 GLY A N    1 
ATOM 167 C CA   . GLY A 1 15 ? 2.017   2.819   5.292   1.00 0.58  ? 59 GLY A CA   1 
ATOM 168 C C    . GLY A 1 15 ? 0.684   3.530   5.537   1.00 0.55  ? 59 GLY A C    1 
ATOM 169 O O    . GLY A 1 15 ? -0.142  3.068   6.302   1.00 0.57  ? 59 GLY A O    1 
ATOM 170 H H    . GLY A 1 15 ? 1.878   0.942   6.340   1.00 0.42  ? 59 GLY A H    1 
ATOM 171 H HA2  . GLY A 1 15 ? 2.816   3.545   5.269   1.00 0.73  ? 59 GLY A HA2  1 
ATOM 172 H HA3  . GLY A 1 15 ? 1.973   2.300   4.347   1.00 0.62  ? 59 GLY A HA3  1 
ATOM 173 N N    . SER A 1 16 ? 0.473   4.648   4.893   1.00 0.58  ? 60 SER A N    1 
ATOM 174 C CA   . SER A 1 16 ? -0.807  5.396   5.082   1.00 0.59  ? 60 SER A CA   1 
ATOM 175 C C    . SER A 1 16 ? -1.848  4.920   4.066   1.00 0.52  ? 60 SER A C    1 
ATOM 176 O O    . SER A 1 16 ? -1.541  4.691   2.911   1.00 0.52  ? 60 SER A O    1 
ATOM 177 C CB   . SER A 1 16 ? -0.450  6.863   4.840   1.00 0.69  ? 60 SER A CB   1 
ATOM 178 O OG   . SER A 1 16 ? -1.219  7.682   5.709   1.00 1.12  ? 60 SER A OG   1 
ATOM 179 H H    . SER A 1 16 ? 1.157   4.997   4.282   1.00 0.64  ? 60 SER A H    1 
ATOM 180 H HA   . SER A 1 16 ? -1.173  5.268   6.088   1.00 0.62  ? 60 SER A HA   1 
ATOM 181 H HB2  . SER A 1 16 ? 0.596   7.019   5.038   1.00 1.00  ? 60 SER A HB2  1 
ATOM 182 H HB3  . SER A 1 16 ? -0.661  7.117   3.809   1.00 0.95  ? 60 SER A HB3  1 
ATOM 183 H HG   . SER A 1 16 ? -0.707  7.831   6.507   1.00 1.45  ? 60 SER A HG   1 
ATOM 184 N N    . CYS A 1 17 ? -3.075  4.765   4.492   1.00 0.50  ? 61 CYS A N    1 
ATOM 185 C CA   . CYS A 1 17 ? -4.145  4.297   3.560   1.00 0.45  ? 61 CYS A CA   1 
ATOM 186 C C    . CYS A 1 17 ? -4.997  5.478   3.088   1.00 0.43  ? 61 CYS A C    1 
ATOM 187 O O    . CYS A 1 17 ? -5.521  6.233   3.885   1.00 0.50  ? 61 CYS A O    1 
ATOM 188 C CB   . CYS A 1 17 ? -4.985  3.322   4.386   1.00 0.51  ? 61 CYS A CB   1 
ATOM 189 S SG   . CYS A 1 17 ? -6.258  2.575   3.336   1.00 0.61  ? 61 CYS A SG   1 
ATOM 190 H H    . CYS A 1 17 ? -3.294  4.952   5.429   1.00 0.56  ? 61 CYS A H    1 
ATOM 191 H HA   . CYS A 1 17 ? -3.711  3.786   2.716   1.00 0.44  ? 61 CYS A HA   1 
ATOM 192 H HB2  . CYS A 1 17 ? -4.348  2.546   4.785   1.00 0.47  ? 61 CYS A HB2  1 
ATOM 193 H HB3  . CYS A 1 17 ? -5.456  3.855   5.199   1.00 0.62  ? 61 CYS A HB3  1 
ATOM 194 N N    . LYS A 1 18 ? -5.139  5.636   1.797   1.00 0.39  ? 62 LYS A N    1 
ATOM 195 C CA   . LYS A 1 18 ? -5.961  6.760   1.258   1.00 0.39  ? 62 LYS A CA   1 
ATOM 196 C C    . LYS A 1 18 ? -6.970  6.231   0.235   1.00 0.38  ? 62 LYS A C    1 
ATOM 197 O O    . LYS A 1 18 ? -6.617  5.507   -0.676  1.00 0.42  ? 62 LYS A O    1 
ATOM 198 C CB   . LYS A 1 18 ? -4.956  7.699   0.588   1.00 0.41  ? 62 LYS A CB   1 
ATOM 199 C CG   . LYS A 1 18 ? -4.590  8.830   1.550   1.00 0.63  ? 62 LYS A CG   1 
ATOM 200 C CD   . LYS A 1 18 ? -4.344  10.117  0.759   1.00 1.21  ? 62 LYS A CD   1 
ATOM 201 C CE   . LYS A 1 18 ? -3.705  11.165  1.673   1.00 1.60  ? 62 LYS A CE   1 
ATOM 202 N NZ   . LYS A 1 18 ? -3.064  12.140  0.748   1.00 2.39  ? 62 LYS A NZ   1 
ATOM 203 H H    . LYS A 1 18 ? -4.707  5.008   1.179   1.00 0.40  ? 62 LYS A H    1 
ATOM 204 H HA   . LYS A 1 18 ? -6.470  7.273   2.060   1.00 0.42  ? 62 LYS A HA   1 
ATOM 205 H HB2  . LYS A 1 18 ? -4.066  7.145   0.326   1.00 0.58  ? 62 LYS A HB2  1 
ATOM 206 H HB3  . LYS A 1 18 ? -5.395  8.117   -0.306  1.00 0.61  ? 62 LYS A HB3  1 
ATOM 207 H HG2  . LYS A 1 18 ? -5.400  8.986   2.248   1.00 1.31  ? 62 LYS A HG2  1 
ATOM 208 H HG3  . LYS A 1 18 ? -3.694  8.566   2.091   1.00 1.39  ? 62 LYS A HG3  1 
ATOM 209 H HD2  . LYS A 1 18 ? -3.681  9.908   -0.068  1.00 1.93  ? 62 LYS A HD2  1 
ATOM 210 H HD3  . LYS A 1 18 ? -5.283  10.494  0.384   1.00 1.88  ? 62 LYS A HD3  1 
ATOM 211 H HE2  . LYS A 1 18 ? -4.463  11.652  2.271   1.00 2.15  ? 62 LYS A HE2  1 
ATOM 212 H HE3  . LYS A 1 18 ? -2.959  10.709  2.306   1.00 1.84  ? 62 LYS A HE3  1 
ATOM 213 H HZ1  . LYS A 1 18 ? -2.409  11.640  0.116   1.00 2.78  ? 62 LYS A HZ1  1 
ATOM 214 H HZ2  . LYS A 1 18 ? -3.797  12.616  0.183   1.00 2.77  ? 62 LYS A HZ2  1 
ATOM 215 H HZ3  . LYS A 1 18 ? -2.538  12.848  1.299   1.00 2.84  ? 62 LYS A HZ3  1 
ATOM 216 N N    . ASP A 1 19 ? -8.220  6.590   0.381   1.00 0.44  ? 63 ASP A N    1 
ATOM 217 C CA   . ASP A 1 19 ? -9.258  6.109   -0.583  1.00 0.47  ? 63 ASP A CA   1 
ATOM 218 C C    . ASP A 1 19 ? -9.173  6.901   -1.892  1.00 0.47  ? 63 ASP A C    1 
ATOM 219 O O    . ASP A 1 19 ? -9.304  8.111   -1.903  1.00 0.54  ? 63 ASP A O    1 
ATOM 220 C CB   . ASP A 1 19 ? -10.602 6.349   0.116   1.00 0.52  ? 63 ASP A CB   1 
ATOM 221 C CG   . ASP A 1 19 ? -10.772 7.838   0.435   1.00 0.55  ? 63 ASP A CG   1 
ATOM 222 O OD1  . ASP A 1 19 ? -10.097 8.313   1.333   1.00 1.13  ? 63 ASP A OD1  1 
ATOM 223 O OD2  . ASP A 1 19 ? -11.574 8.477   -0.226  1.00 1.23  ? 63 ASP A OD2  1 
ATOM 224 H H    . ASP A 1 19 ? -8.475  7.173   1.125   1.00 0.52  ? 63 ASP A H    1 
ATOM 225 H HA   . ASP A 1 19 ? -9.128  5.055   -0.776  1.00 0.47  ? 63 ASP A HA   1 
ATOM 226 H HB2  . ASP A 1 19 ? -11.405 6.026   -0.532  1.00 0.55  ? 63 ASP A HB2  1 
ATOM 227 H HB3  . ASP A 1 19 ? -10.635 5.781   1.035   1.00 0.54  ? 63 ASP A HB3  1 
ATOM 228 N N    . GLN A 1 20 ? -8.952  6.226   -2.992  1.00 0.48  ? 64 GLN A N    1 
ATOM 229 C CA   . GLN A 1 20 ? -8.856  6.931   -4.304  1.00 0.53  ? 64 GLN A CA   1 
ATOM 230 C C    . GLN A 1 20 ? -9.962  6.446   -5.244  1.00 0.58  ? 64 GLN A C    1 
ATOM 231 O O    . GLN A 1 20 ? -9.711  6.087   -6.378  1.00 1.14  ? 64 GLN A O    1 
ATOM 232 C CB   . GLN A 1 20 ? -7.479  6.557   -4.854  1.00 0.57  ? 64 GLN A CB   1 
ATOM 233 C CG   . GLN A 1 20 ? -6.410  7.425   -4.188  1.00 0.60  ? 64 GLN A CG   1 
ATOM 234 C CD   . GLN A 1 20 ? -6.455  8.836   -4.776  1.00 0.85  ? 64 GLN A CD   1 
ATOM 235 O OE1  . GLN A 1 20 ? -6.809  9.778   -4.097  1.00 1.31  ? 64 GLN A OE1  1 
ATOM 236 N NE2  . GLN A 1 20 ? -6.110  9.021   -6.021  1.00 1.57  ? 64 GLN A NE2  1 
ATOM 237 H H    . GLN A 1 20 ? -8.850  5.251   -2.953  1.00 0.51  ? 64 GLN A H    1 
ATOM 238 H HA   . GLN A 1 20 ? -8.921  7.999   -4.165  1.00 0.54  ? 64 GLN A HA   1 
ATOM 239 H HB2  . GLN A 1 20 ? -7.280  5.516   -4.648  1.00 0.59  ? 64 GLN A HB2  1 
ATOM 240 H HB3  . GLN A 1 20 ? -7.460  6.724   -5.921  1.00 0.65  ? 64 GLN A HB3  1 
ATOM 241 H HG2  . GLN A 1 20 ? -6.597  7.470   -3.124  1.00 0.61  ? 64 GLN A HG2  1 
ATOM 242 H HG3  . GLN A 1 20 ? -5.435  6.994   -4.364  1.00 0.69  ? 64 GLN A HG3  1 
ATOM 243 H HE21 . GLN A 1 20 ? -5.824  8.262   -6.569  1.00 2.19  ? 64 GLN A HE21 1 
ATOM 244 H HE22 . GLN A 1 20 ? -6.135  9.922   -6.407  1.00 1.77  ? 64 GLN A HE22 1 
ATOM 245 N N    . LEU A 1 21 ? -11.189 6.436   -4.778  1.00 0.74  ? 65 LEU A N    1 
ATOM 246 C CA   . LEU A 1 21 ? -12.343 5.975   -5.625  1.00 0.83  ? 65 LEU A CA   1 
ATOM 247 C C    . LEU A 1 21 ? -12.162 4.507   -6.026  1.00 0.81  ? 65 LEU A C    1 
ATOM 248 O O    . LEU A 1 21 ? -11.170 4.130   -6.616  1.00 1.62  ? 65 LEU A O    1 
ATOM 249 C CB   . LEU A 1 21 ? -12.353 6.878   -6.866  1.00 1.00  ? 65 LEU A CB   1 
ATOM 250 C CG   . LEU A 1 21 ? -13.769 6.935   -7.442  1.00 1.40  ? 65 LEU A CG   1 
ATOM 251 C CD1  . LEU A 1 21 ? -13.934 8.213   -8.267  1.00 2.13  ? 65 LEU A CD1  1 
ATOM 252 C CD2  . LEU A 1 21 ? -14.002 5.717   -8.338  1.00 2.19  ? 65 LEU A CD2  1 
ATOM 253 H H    . LEU A 1 21 ? -11.357 6.735   -3.860  1.00 1.20  ? 65 LEU A H    1 
ATOM 254 H HA   . LEU A 1 21 ? -13.267 6.094   -5.081  1.00 0.99  ? 65 LEU A HA   1 
ATOM 255 H HB2  . LEU A 1 21 ? -12.036 7.873   -6.589  1.00 1.07  ? 65 LEU A HB2  1 
ATOM 256 H HB3  . LEU A 1 21 ? -11.680 6.478   -7.608  1.00 1.11  ? 65 LEU A HB3  1 
ATOM 257 H HG   . LEU A 1 21 ? -14.487 6.933   -6.634  1.00 1.80  ? 65 LEU A HG   1 
ATOM 258 H HD11 . LEU A 1 21 ? -13.494 9.043   -7.737  1.00 2.59  ? 65 LEU A HD11 1 
ATOM 259 H HD12 . LEU A 1 21 ? -13.439 8.092   -9.220  1.00 2.61  ? 65 LEU A HD12 1 
ATOM 260 H HD13 . LEU A 1 21 ? -14.984 8.404   -8.428  1.00 2.57  ? 65 LEU A HD13 1 
ATOM 261 H HD21 . LEU A 1 21 ? -13.243 5.684   -9.105  1.00 2.73  ? 65 LEU A HD21 1 
ATOM 262 H HD22 . LEU A 1 21 ? -13.952 4.817   -7.743  1.00 2.70  ? 65 LEU A HD22 1 
ATOM 263 H HD23 . LEU A 1 21 ? -14.976 5.789   -8.798  1.00 2.51  ? 65 LEU A HD23 1 
ATOM 264 N N    . GLN A 1 22 ? -13.128 3.675   -5.710  1.00 0.86  ? 66 GLN A N    1 
ATOM 265 C CA   . GLN A 1 22 ? -13.049 2.214   -6.060  1.00 0.94  ? 66 GLN A CA   1 
ATOM 266 C C    . GLN A 1 22 ? -11.862 1.550   -5.346  1.00 0.74  ? 66 GLN A C    1 
ATOM 267 O O    . GLN A 1 22 ? -12.034 0.865   -4.357  1.00 1.10  ? 66 GLN A O    1 
ATOM 268 C CB   . GLN A 1 22 ? -12.882 2.140   -7.591  1.00 1.27  ? 66 GLN A CB   1 
ATOM 269 C CG   . GLN A 1 22 ? -14.085 1.426   -8.212  1.00 1.78  ? 66 GLN A CG   1 
ATOM 270 C CD   . GLN A 1 22 ? -13.818 1.174   -9.697  1.00 2.27  ? 66 GLN A CD   1 
ATOM 271 O OE1  . GLN A 1 22 ? -12.948 0.402   -10.048 1.00 3.00  ? 66 GLN A OE1  1 
ATOM 272 N NE2  . GLN A 1 22 ? -14.536 1.797   -10.591 1.00 2.65  ? 66 GLN A NE2  1 
ATOM 273 H H    . GLN A 1 22 ? -13.917 4.013   -5.239  1.00 1.49  ? 66 GLN A H    1 
ATOM 274 H HA   . GLN A 1 22 ? -13.966 1.723   -5.770  1.00 1.19  ? 66 GLN A HA   1 
ATOM 275 H HB2  . GLN A 1 22 ? -12.811 3.139   -7.994  1.00 1.48  ? 66 GLN A HB2  1 
ATOM 276 H HB3  . GLN A 1 22 ? -11.982 1.594   -7.829  1.00 1.36  ? 66 GLN A HB3  1 
ATOM 277 H HG2  . GLN A 1 22 ? -14.243 0.484   -7.709  1.00 2.19  ? 66 GLN A HG2  1 
ATOM 278 H HG3  . GLN A 1 22 ? -14.965 2.044   -8.107  1.00 2.19  ? 66 GLN A HG3  1 
ATOM 279 H HE21 . GLN A 1 22 ? -15.237 2.422   -10.309 1.00 2.70  ? 66 GLN A HE21 1 
ATOM 280 H HE22 . GLN A 1 22 ? -14.372 1.644   -11.546 1.00 3.30  ? 66 GLN A HE22 1 
ATOM 281 N N    . SER A 1 23 ? -10.666 1.745   -5.842  1.00 0.70  ? 67 SER A N    1 
ATOM 282 C CA   . SER A 1 23 ? -9.471  1.123   -5.195  1.00 0.60  ? 67 SER A CA   1 
ATOM 283 C C    . SER A 1 23 ? -8.893  2.057   -4.129  1.00 0.49  ? 67 SER A C    1 
ATOM 284 O O    . SER A 1 23 ? -9.524  3.014   -3.722  1.00 0.51  ? 67 SER A O    1 
ATOM 285 C CB   . SER A 1 23 ? -8.468  0.922   -6.330  1.00 0.85  ? 67 SER A CB   1 
ATOM 286 O OG   . SER A 1 23 ? -7.963  2.185   -6.739  1.00 1.69  ? 67 SER A OG   1 
ATOM 287 H H    . SER A 1 23 ? -10.552 2.301   -6.640  1.00 1.08  ? 67 SER A H    1 
ATOM 288 H HA   . SER A 1 23 ? -9.731  0.170   -4.762  1.00 0.66  ? 67 SER A HA   1 
ATOM 289 H HB2  . SER A 1 23 ? -7.653  0.308   -5.988  1.00 1.11  ? 67 SER A HB2  1 
ATOM 290 H HB3  . SER A 1 23 ? -8.960  0.433   -7.162  1.00 1.48  ? 67 SER A HB3  1 
ATOM 291 H HG   . SER A 1 23 ? -7.921  2.194   -7.698  1.00 2.06  ? 67 SER A HG   1 
ATOM 292 N N    . TYR A 1 24 ? -7.698  1.781   -3.675  1.00 0.50  ? 68 TYR A N    1 
ATOM 293 C CA   . TYR A 1 24 ? -7.065  2.646   -2.632  1.00 0.41  ? 68 TYR A CA   1 
ATOM 294 C C    . TYR A 1 24 ? -5.576  2.847   -2.938  1.00 0.45  ? 68 TYR A C    1 
ATOM 295 O O    . TYR A 1 24 ? -5.054  2.309   -3.896  1.00 0.54  ? 68 TYR A O    1 
ATOM 296 C CB   . TYR A 1 24 ? -7.246  1.890   -1.308  1.00 0.37  ? 68 TYR A CB   1 
ATOM 297 C CG   . TYR A 1 24 ? -6.622  0.513   -1.403  1.00 0.45  ? 68 TYR A CG   1 
ATOM 298 C CD1  . TYR A 1 24 ? -7.311  -0.523  -2.045  1.00 1.31  ? 68 TYR A CD1  1 
ATOM 299 C CD2  . TYR A 1 24 ? -5.357  0.276   -0.850  1.00 1.31  ? 68 TYR A CD2  1 
ATOM 300 C CE1  . TYR A 1 24 ? -6.735  -1.797  -2.134  1.00 1.35  ? 68 TYR A CE1  1 
ATOM 301 C CE2  . TYR A 1 24 ? -4.782  -0.996  -0.940  1.00 1.35  ? 68 TYR A CE2  1 
ATOM 302 C CZ   . TYR A 1 24 ? -5.472  -2.033  -1.582  1.00 0.66  ? 68 TYR A CZ   1 
ATOM 303 O OH   . TYR A 1 24 ? -4.904  -3.288  -1.670  1.00 0.78  ? 68 TYR A OH   1 
ATOM 304 H H    . TYR A 1 24 ? -7.213  1.003   -4.022  1.00 0.61  ? 68 TYR A H    1 
ATOM 305 H HA   . TYR A 1 24 ? -7.568  3.598   -2.581  1.00 0.40  ? 68 TYR A HA   1 
ATOM 306 H HB2  . TYR A 1 24 ? -6.768  2.443   -0.513  1.00 0.34  ? 68 TYR A HB2  1 
ATOM 307 H HB3  . TYR A 1 24 ? -8.299  1.791   -1.093  1.00 0.37  ? 68 TYR A HB3  1 
ATOM 308 H HD1  . TYR A 1 24 ? -8.286  -0.341  -2.472  1.00 2.19  ? 68 TYR A HD1  1 
ATOM 309 H HD2  . TYR A 1 24 ? -4.826  1.076   -0.356  1.00 2.19  ? 68 TYR A HD2  1 
ATOM 310 H HE1  . TYR A 1 24 ? -7.265  -2.596  -2.629  1.00 2.23  ? 68 TYR A HE1  1 
ATOM 311 H HE2  . TYR A 1 24 ? -3.807  -1.180  -0.513  1.00 2.24  ? 68 TYR A HE2  1 
ATOM 312 H HH   . TYR A 1 24 ? -5.098  -3.642  -2.541  1.00 1.17  ? 68 TYR A HH   1 
ATOM 313 N N    . ILE A 1 25 ? -4.896  3.615   -2.126  1.00 0.42  ? 69 ILE A N    1 
ATOM 314 C CA   . ILE A 1 25 ? -3.441  3.853   -2.356  1.00 0.48  ? 69 ILE A CA   1 
ATOM 315 C C    . ILE A 1 25 ? -2.686  3.804   -1.022  1.00 0.45  ? 69 ILE A C    1 
ATOM 316 O O    . ILE A 1 25 ? -2.961  4.570   -0.118  1.00 0.43  ? 69 ILE A O    1 
ATOM 317 C CB   . ILE A 1 25 ? -3.360  5.251   -2.987  1.00 0.53  ? 69 ILE A CB   1 
ATOM 318 C CG1  . ILE A 1 25 ? -1.899  5.573   -3.314  1.00 0.60  ? 69 ILE A CG1  1 
ATOM 319 C CG2  . ILE A 1 25 ? -3.919  6.306   -2.022  1.00 0.47  ? 69 ILE A CG2  1 
ATOM 320 C CD1  . ILE A 1 25 ? -1.839  6.798   -4.230  1.00 0.69  ? 69 ILE A CD1  1 
ATOM 321 H H    . ILE A 1 25 ? -5.345  4.030   -1.361  1.00 0.37  ? 69 ILE A H    1 
ATOM 322 H HA   . ILE A 1 25 ? -3.045  3.119   -3.037  1.00 0.53  ? 69 ILE A HA   1 
ATOM 323 H HB   . ILE A 1 25 ? -3.941  5.260   -3.899  1.00 0.56  ? 69 ILE A HB   1 
ATOM 324 H HG12 . ILE A 1 25 ? -1.363  5.781   -2.399  1.00 0.65  ? 69 ILE A HG12 1 
ATOM 325 H HG13 . ILE A 1 25 ? -1.446  4.731   -3.814  1.00 0.67  ? 69 ILE A HG13 1 
ATOM 326 H HG21 . ILE A 1 25 ? -4.476  5.819   -1.238  1.00 1.06  ? 69 ILE A HG21 1 
ATOM 327 H HG22 . ILE A 1 25 ? -3.105  6.868   -1.587  1.00 1.11  ? 69 ILE A HG22 1 
ATOM 328 H HG23 . ILE A 1 25 ? -4.570  6.977   -2.562  1.00 1.17  ? 69 ILE A HG23 1 
ATOM 329 H HD11 . ILE A 1 25 ? -2.760  6.872   -4.792  1.00 1.40  ? 69 ILE A HD11 1 
ATOM 330 H HD12 . ILE A 1 25 ? -1.709  7.688   -3.635  1.00 1.05  ? 69 ILE A HD12 1 
ATOM 331 H HD13 . ILE A 1 25 ? -1.010  6.696   -4.913  1.00 1.24  ? 69 ILE A HD13 1 
ATOM 332 N N    . CYS A 1 26 ? -1.741  2.908   -0.898  1.00 0.47  ? 70 CYS A N    1 
ATOM 333 C CA   . CYS A 1 26 ? -0.968  2.801   0.374   1.00 0.46  ? 70 CYS A CA   1 
ATOM 334 C C    . CYS A 1 26 ? 0.328   3.610   0.279   1.00 0.51  ? 70 CYS A C    1 
ATOM 335 O O    . CYS A 1 26 ? 1.044   3.539   -0.703  1.00 0.59  ? 70 CYS A O    1 
ATOM 336 C CB   . CYS A 1 26 ? -0.652  1.312   0.527   1.00 0.48  ? 70 CYS A CB   1 
ATOM 337 S SG   . CYS A 1 26 ? -2.170  0.402   0.909   1.00 0.51  ? 70 CYS A SG   1 
ATOM 338 H H    . CYS A 1 26 ? -1.542  2.302   -1.642  1.00 0.51  ? 70 CYS A H    1 
ATOM 339 H HA   . CYS A 1 26 ? -1.564  3.139   1.206   1.00 0.45  ? 70 CYS A HA   1 
ATOM 340 H HB2  . CYS A 1 26 ? -0.230  0.938   -0.393  1.00 0.58  ? 70 CYS A HB2  1 
ATOM 341 H HB3  . CYS A 1 26 ? 0.059   1.177   1.329   1.00 0.48  ? 70 CYS A HB3  1 
ATOM 342 N N    . PHE A 1 27 ? 0.637   4.370   1.297   1.00 0.53  ? 71 PHE A N    1 
ATOM 343 C CA   . PHE A 1 27 ? 1.889   5.181   1.282   1.00 0.63  ? 71 PHE A CA   1 
ATOM 344 C C    . PHE A 1 27 ? 2.982   4.459   2.073   1.00 0.69  ? 71 PHE A C    1 
ATOM 345 O O    . PHE A 1 27 ? 3.085   4.601   3.277   1.00 0.76  ? 71 PHE A O    1 
ATOM 346 C CB   . PHE A 1 27 ? 1.519   6.502   1.959   1.00 0.69  ? 71 PHE A CB   1 
ATOM 347 C CG   . PHE A 1 27 ? 0.805   7.391   0.969   1.00 0.63  ? 71 PHE A CG   1 
ATOM 348 C CD1  . PHE A 1 27 ? 1.542   8.202   0.097   1.00 1.21  ? 71 PHE A CD1  1 
ATOM 349 C CD2  . PHE A 1 27 ? -0.595  7.407   0.925   1.00 1.48  ? 71 PHE A CD2  1 
ATOM 350 C CE1  . PHE A 1 27 ? 0.878   9.026   -0.821  1.00 1.21  ? 71 PHE A CE1  1 
ATOM 351 C CE2  . PHE A 1 27 ? -1.257  8.230   0.006   1.00 1.46  ? 71 PHE A CE2  1 
ATOM 352 C CZ   . PHE A 1 27 ? -0.520  9.041   -0.865  1.00 0.58  ? 71 PHE A CZ   1 
ATOM 353 H H    . PHE A 1 27 ? 0.044   4.403   2.078   1.00 0.50  ? 71 PHE A H    1 
ATOM 354 H HA   . PHE A 1 27 ? 2.213   5.362   0.269   1.00 0.66  ? 71 PHE A HA   1 
ATOM 355 H HB2  . PHE A 1 27 ? 0.871   6.305   2.799   1.00 0.69  ? 71 PHE A HB2  1 
ATOM 356 H HB3  . PHE A 1 27 ? 2.416   6.995   2.302   1.00 0.83  ? 71 PHE A HB3  1 
ATOM 357 H HD1  . PHE A 1 27 ? 2.621   8.190   0.132   1.00 2.07  ? 71 PHE A HD1  1 
ATOM 358 H HD2  . PHE A 1 27 ? -1.164  6.780   1.597   1.00 2.37  ? 71 PHE A HD2  1 
ATOM 359 H HE1  . PHE A 1 27 ? 1.447   9.651   -1.493  1.00 2.09  ? 71 PHE A HE1  1 
ATOM 360 H HE2  . PHE A 1 27 ? -2.336  8.242   -0.027  1.00 2.34  ? 71 PHE A HE2  1 
ATOM 361 H HZ   . PHE A 1 27 ? -1.032  9.677   -1.572  1.00 0.60  ? 71 PHE A HZ   1 
ATOM 362 N N    . CYS A 1 28 ? 3.788   3.677   1.402   1.00 0.72  ? 72 CYS A N    1 
ATOM 363 C CA   . CYS A 1 28 ? 4.871   2.927   2.104   1.00 0.79  ? 72 CYS A CA   1 
ATOM 364 C C    . CYS A 1 28 ? 6.246   3.411   1.634   1.00 0.53  ? 72 CYS A C    1 
ATOM 365 O O    . CYS A 1 28 ? 6.366   4.079   0.625   1.00 0.45  ? 72 CYS A O    1 
ATOM 366 C CB   . CYS A 1 28 ? 4.655   1.465   1.706   1.00 0.97  ? 72 CYS A CB   1 
ATOM 367 S SG   . CYS A 1 28 ? 3.058   0.896   2.340   1.00 1.44  ? 72 CYS A SG   1 
ATOM 368 H H    . CYS A 1 28 ? 3.675   3.576   0.434   1.00 0.74  ? 72 CYS A H    1 
ATOM 369 H HA   . CYS A 1 28 ? 4.777   3.036   3.172   1.00 1.01  ? 72 CYS A HA   1 
ATOM 370 H HB2  . CYS A 1 28 ? 4.663   1.382   0.630   1.00 0.89  ? 72 CYS A HB2  1 
ATOM 371 H HB3  . CYS A 1 28 ? 5.444   0.856   2.120   1.00 0.98  ? 72 CYS A HB3  1 
ATOM 372 N N    . LEU A 1 29 ? 7.284   3.069   2.358   1.00 0.51  ? 73 LEU A N    1 
ATOM 373 C CA   . LEU A 1 29 ? 8.663   3.498   1.957   1.00 0.40  ? 73 LEU A CA   1 
ATOM 374 C C    . LEU A 1 29 ? 8.980   2.986   0.541   1.00 0.30  ? 73 LEU A C    1 
ATOM 375 O O    . LEU A 1 29 ? 8.344   2.062   0.069   1.00 0.36  ? 73 LEU A O    1 
ATOM 376 C CB   . LEU A 1 29 ? 9.609   2.847   2.974   1.00 0.50  ? 73 LEU A CB   1 
ATOM 377 C CG   . LEU A 1 29 ? 9.704   3.700   4.244   1.00 0.84  ? 73 LEU A CG   1 
ATOM 378 C CD1  . LEU A 1 29 ? 8.332   3.801   4.915   1.00 0.98  ? 73 LEU A CD1  1 
ATOM 379 C CD2  . LEU A 1 29 ? 10.694  3.052   5.213   1.00 1.94  ? 73 LEU A CD2  1 
ATOM 380 H H    . LEU A 1 29 ? 7.155   2.526   3.162   1.00 0.65  ? 73 LEU A H    1 
ATOM 381 H HA   . LEU A 1 29 ? 8.753   4.573   2.001   1.00 0.56  ? 73 LEU A HA   1 
ATOM 382 H HB2  . LEU A 1 29 ? 9.240   1.871   3.229   1.00 0.50  ? 73 LEU A HB2  1 
ATOM 383 H HB3  . LEU A 1 29 ? 10.591  2.753   2.536   1.00 0.66  ? 73 LEU A HB3  1 
ATOM 384 H HG   . LEU A 1 29 ? 10.050  4.686   3.986   1.00 1.51  ? 73 LEU A HG   1 
ATOM 385 H HD11 . LEU A 1 29 ? 7.933   2.808   5.069   1.00 1.48  ? 73 LEU A HD11 1 
ATOM 386 H HD12 . LEU A 1 29 ? 8.433   4.300   5.867   1.00 1.60  ? 73 LEU A HD12 1 
ATOM 387 H HD13 . LEU A 1 29 ? 7.663   4.364   4.283   1.00 1.60  ? 73 LEU A HD13 1 
ATOM 388 H HD21 . LEU A 1 29 ? 10.432  2.013   5.355   1.00 2.42  ? 73 LEU A HD21 1 
ATOM 389 H HD22 . LEU A 1 29 ? 11.693  3.120   4.808   1.00 2.40  ? 73 LEU A HD22 1 
ATOM 390 H HD23 . LEU A 1 29 ? 10.655  3.563   6.164   1.00 2.54  ? 73 LEU A HD23 1 
ATOM 391 N N    . PRO A 1 30 ? 9.956   3.591   -0.097  1.00 0.50  ? 74 PRO A N    1 
ATOM 392 C CA   . PRO A 1 30 ? 10.331  3.163   -1.470  1.00 0.72  ? 74 PRO A CA   1 
ATOM 393 C C    . PRO A 1 30 ? 10.980  1.769   -1.459  1.00 0.74  ? 74 PRO A C    1 
ATOM 394 O O    . PRO A 1 30 ? 11.201  1.182   -2.502  1.00 0.95  ? 74 PRO A O    1 
ATOM 395 C CB   . PRO A 1 30 ? 11.328  4.227   -1.920  1.00 0.96  ? 74 PRO A CB   1 
ATOM 396 C CG   . PRO A 1 30 ? 11.892  4.786   -0.654  1.00 0.93  ? 74 PRO A CG   1 
ATOM 397 C CD   . PRO A 1 30 ? 10.797  4.704   0.375   1.00 0.70  ? 74 PRO A CD   1 
ATOM 398 H HA   . PRO A 1 30 ? 9.469   3.172   -2.117  1.00 0.80  ? 74 PRO A HA   1 
ATOM 399 H HB2  . PRO A 1 30 ? 12.112  3.780   -2.517  1.00 1.11  ? 74 PRO A HB2  1 
ATOM 400 H HB3  . PRO A 1 30 ? 10.828  5.005   -2.475  1.00 1.07  ? 74 PRO A HB3  1 
ATOM 401 H HG2  . PRO A 1 30 ? 12.745  4.199   -0.338  1.00 0.96  ? 74 PRO A HG2  1 
ATOM 402 H HG3  . PRO A 1 30 ? 12.181  5.815   -0.797  1.00 1.11  ? 74 PRO A HG3  1 
ATOM 403 H HD2  . PRO A 1 30 ? 11.210  4.486   1.351   1.00 0.73  ? 74 PRO A HD2  1 
ATOM 404 H HD3  . PRO A 1 30 ? 10.226  5.619   0.397   1.00 0.76  ? 74 PRO A HD3  1 
ATOM 405 N N    . ALA A 1 31 ? 11.291  1.236   -0.298  1.00 0.59  ? 75 ALA A N    1 
ATOM 406 C CA   . ALA A 1 31 ? 11.925  -0.113  -0.239  1.00 0.68  ? 75 ALA A CA   1 
ATOM 407 C C    . ALA A 1 31 ? 10.874  -1.225  -0.093  1.00 0.63  ? 75 ALA A C    1 
ATOM 408 O O    . ALA A 1 31 ? 11.220  -2.385  0.027   1.00 0.70  ? 75 ALA A O    1 
ATOM 409 C CB   . ALA A 1 31 ? 12.828  -0.067  0.995   1.00 0.76  ? 75 ALA A CB   1 
ATOM 410 H H    . ALA A 1 31 ? 11.111  1.723   0.531   1.00 0.49  ? 75 ALA A H    1 
ATOM 411 H HA   . ALA A 1 31 ? 12.523  -0.282  -1.118  1.00 0.78  ? 75 ALA A HA   1 
ATOM 412 H HB1  . ALA A 1 31 ? 12.253  0.259   1.849   1.00 1.15  ? 75 ALA A HB1  1 
ATOM 413 H HB2  . ALA A 1 31 ? 13.229  -1.051  1.184   1.00 1.26  ? 75 ALA A HB2  1 
ATOM 414 H HB3  . ALA A 1 31 ? 13.639  0.624   0.823   1.00 1.38  ? 75 ALA A HB3  1 
ATOM 415 N N    . PHE A 1 32 ? 9.601   -0.893  -0.104  1.00 0.53  ? 76 PHE A N    1 
ATOM 416 C CA   . PHE A 1 32 ? 8.556   -1.958  0.033   1.00 0.50  ? 76 PHE A CA   1 
ATOM 417 C C    . PHE A 1 32 ? 7.893   -2.233  -1.318  1.00 0.53  ? 76 PHE A C    1 
ATOM 418 O O    . PHE A 1 32 ? 8.033   -1.473  -2.257  1.00 0.64  ? 76 PHE A O    1 
ATOM 419 C CB   . PHE A 1 32 ? 7.524   -1.408  1.025   1.00 0.42  ? 76 PHE A CB   1 
ATOM 420 C CG   . PHE A 1 32 ? 8.113   -1.331  2.419   1.00 0.44  ? 76 PHE A CG   1 
ATOM 421 C CD1  . PHE A 1 32 ? 8.879   -2.386  2.941   1.00 1.36  ? 76 PHE A CD1  1 
ATOM 422 C CD2  . PHE A 1 32 ? 7.886   -0.190  3.192   1.00 1.22  ? 76 PHE A CD2  1 
ATOM 423 C CE1  . PHE A 1 32 ? 9.418   -2.287  4.230   1.00 1.42  ? 76 PHE A CE1  1 
ATOM 424 C CE2  . PHE A 1 32 ? 8.421   -0.093  4.480   1.00 1.26  ? 76 PHE A CE2  1 
ATOM 425 C CZ   . PHE A 1 32 ? 9.188   -1.138  4.999   1.00 0.70  ? 76 PHE A CZ   1 
ATOM 426 H H    . PHE A 1 32 ? 9.334   0.045   -0.203  1.00 0.51  ? 76 PHE A H    1 
ATOM 427 H HA   . PHE A 1 32 ? 8.995   -2.860  0.423   1.00 0.54  ? 76 PHE A HA   1 
ATOM 428 H HB2  . PHE A 1 32 ? 7.222   -0.419  0.713   1.00 0.48  ? 76 PHE A HB2  1 
ATOM 429 H HB3  . PHE A 1 32 ? 6.659   -2.054  1.039   1.00 0.37  ? 76 PHE A HB3  1 
ATOM 430 H HD1  . PHE A 1 32 ? 9.057   -3.270  2.349   1.00 2.23  ? 76 PHE A HD1  1 
ATOM 431 H HD2  . PHE A 1 32 ? 7.295   0.616   2.793   1.00 2.10  ? 76 PHE A HD2  1 
ATOM 432 H HE1  . PHE A 1 32 ? 10.009  -3.096  4.632   1.00 2.31  ? 76 PHE A HE1  1 
ATOM 433 H HE2  . PHE A 1 32 ? 8.245   0.791   5.074   1.00 2.13  ? 76 PHE A HE2  1 
ATOM 434 H HZ   . PHE A 1 32 ? 9.605   -1.057  5.990   1.00 0.82  ? 76 PHE A HZ   1 
ATOM 435 N N    . GLU A 1 33 ? 7.168   -3.317  -1.413  1.00 0.50  ? 77 GLU A N    1 
ATOM 436 C CA   . GLU A 1 33 ? 6.481   -3.660  -2.692  1.00 0.55  ? 77 GLU A CA   1 
ATOM 437 C C    . GLU A 1 33 ? 5.197   -4.442  -2.401  1.00 0.48  ? 77 GLU A C    1 
ATOM 438 O O    . GLU A 1 33 ? 4.973   -4.895  -1.293  1.00 0.43  ? 77 GLU A O    1 
ATOM 439 C CB   . GLU A 1 33 ? 7.481   -4.528  -3.465  1.00 0.68  ? 77 GLU A CB   1 
ATOM 440 C CG   . GLU A 1 33 ? 7.577   -4.043  -4.915  1.00 0.80  ? 77 GLU A CG   1 
ATOM 441 C CD   . GLU A 1 33 ? 8.045   -5.192  -5.809  1.00 1.44  ? 77 GLU A CD   1 
ATOM 442 O OE1  . GLU A 1 33 ? 7.588   -6.304  -5.599  1.00 2.18  ? 77 GLU A OE1  1 
ATOM 443 O OE2  . GLU A 1 33 ? 8.851   -4.940  -6.689  1.00 2.10  ? 77 GLU A OE2  1 
ATOM 444 H H    . GLU A 1 33 ? 7.071   -3.908  -0.636  1.00 0.47  ? 77 GLU A H    1 
ATOM 445 H HA   . GLU A 1 33 ? 6.259   -2.764  -3.251  1.00 0.60  ? 77 GLU A HA   1 
ATOM 446 H HB2  . GLU A 1 33 ? 8.453   -4.460  -2.999  1.00 0.72  ? 77 GLU A HB2  1 
ATOM 447 H HB3  . GLU A 1 33 ? 7.150   -5.556  -3.455  1.00 0.67  ? 77 GLU A HB3  1 
ATOM 448 H HG2  . GLU A 1 33 ? 6.606   -3.700  -5.243  1.00 1.13  ? 77 GLU A HG2  1 
ATOM 449 H HG3  . GLU A 1 33 ? 8.284   -3.230  -4.976  1.00 1.42  ? 77 GLU A HG3  1 
ATOM 450 N N    . GLY A 1 34 ? 4.354   -4.599  -3.390  1.00 0.53  ? 78 GLY A N    1 
ATOM 451 C CA   . GLY A 1 34 ? 3.079   -5.348  -3.183  1.00 0.49  ? 78 GLY A CA   1 
ATOM 452 C C    . GLY A 1 34 ? 1.913   -4.359  -3.114  1.00 0.51  ? 78 GLY A C    1 
ATOM 453 O O    . GLY A 1 34 ? 2.081   -3.215  -2.733  1.00 0.54  ? 78 GLY A O    1 
ATOM 454 H H    . GLY A 1 34 ? 4.560   -4.224  -4.271  1.00 0.60  ? 78 GLY A H    1 
ATOM 455 H HA2  . GLY A 1 34 ? 2.924   -6.031  -4.005  1.00 0.51  ? 78 GLY A HA2  1 
ATOM 456 H HA3  . GLY A 1 34 ? 3.131   -5.901  -2.258  1.00 0.45  ? 78 GLY A HA3  1 
ATOM 457 N N    . ARG A 1 35 ? 0.733   -4.791  -3.481  1.00 0.54  ? 79 ARG A N    1 
ATOM 458 C CA   . ARG A 1 35 ? -0.452  -3.877  -3.439  1.00 0.61  ? 79 ARG A CA   1 
ATOM 459 C C    . ARG A 1 35 ? -0.703  -3.404  -2.006  1.00 0.54  ? 79 ARG A C    1 
ATOM 460 O O    . ARG A 1 35 ? -1.078  -2.270  -1.775  1.00 0.55  ? 79 ARG A O    1 
ATOM 461 C CB   . ARG A 1 35 ? -1.630  -4.717  -3.939  1.00 0.69  ? 79 ARG A CB   1 
ATOM 462 C CG   . ARG A 1 35 ? -2.882  -3.844  -4.020  1.00 0.73  ? 79 ARG A CG   1 
ATOM 463 C CD   . ARG A 1 35 ? -3.019  -3.273  -5.433  1.00 1.09  ? 79 ARG A CD   1 
ATOM 464 N NE   . ARG A 1 35 ? -4.484  -3.303  -5.722  1.00 1.84  ? 79 ARG A NE   1 
ATOM 465 C CZ   . ARG A 1 35 ? -4.937  -3.378  -6.957  1.00 2.55  ? 79 ARG A CZ   1 
ATOM 466 N NH1  . ARG A 1 35 ? -4.143  -3.212  -7.989  1.00 2.85  ? 79 ARG A NH1  1 
ATOM 467 N NH2  . ARG A 1 35 ? -6.206  -3.610  -7.159  1.00 3.49  ? 79 ARG A NH2  1 
ATOM 468 H H    . ARG A 1 35 ? 0.627   -5.718  -3.784  1.00 0.55  ? 79 ARG A H    1 
ATOM 469 H HA   . ARG A 1 35 ? -0.298  -3.033  -4.093  1.00 0.68  ? 79 ARG A HA   1 
ATOM 470 H HB2  . ARG A 1 35 ? -1.399  -5.110  -4.920  1.00 0.79  ? 79 ARG A HB2  1 
ATOM 471 H HB3  . ARG A 1 35 ? -1.806  -5.534  -3.255  1.00 0.71  ? 79 ARG A HB3  1 
ATOM 472 H HG2  . ARG A 1 35 ? -3.754  -4.440  -3.787  1.00 0.99  ? 79 ARG A HG2  1 
ATOM 473 H HG3  . ARG A 1 35 ? -2.802  -3.032  -3.312  1.00 1.11  ? 79 ARG A HG3  1 
ATOM 474 H HD2  . ARG A 1 35 ? -2.646  -2.257  -5.464  1.00 1.71  ? 79 ARG A HD2  1 
ATOM 475 H HD3  . ARG A 1 35 ? -2.489  -3.891  -6.141  1.00 1.51  ? 79 ARG A HD3  1 
ATOM 476 H HE   . ARG A 1 35 ? -5.122  -3.266  -4.977  1.00 2.33  ? 79 ARG A HE   1 
ATOM 477 H HH11 . ARG A 1 35 ? -3.172  -3.023  -7.855  1.00 2.67  ? 79 ARG A HH11 1 
ATOM 478 H HH12 . ARG A 1 35 ? -4.513  -3.275  -8.916  1.00 3.60  ? 79 ARG A HH12 1 
ATOM 479 H HH21 . ARG A 1 35 ? -6.822  -3.729  -6.381  1.00 3.83  ? 79 ARG A HH21 1 
ATOM 480 H HH22 . ARG A 1 35 ? -6.560  -3.670  -8.091  1.00 4.09  ? 79 ARG A HH22 1 
ATOM 481 N N    . ASN A 1 36 ? -0.500  -4.267  -1.043  1.00 0.49  ? 80 ASN A N    1 
ATOM 482 C CA   . ASN A 1 36 ? -0.725  -3.877  0.381   1.00 0.46  ? 80 ASN A CA   1 
ATOM 483 C C    . ASN A 1 36 ? 0.615   -3.762  1.114   1.00 0.40  ? 80 ASN A C    1 
ATOM 484 O O    . ASN A 1 36 ? 0.702   -3.985  2.306   1.00 0.40  ? 80 ASN A O    1 
ATOM 485 C CB   . ASN A 1 36 ? -1.563  -5.010  0.974   1.00 0.49  ? 80 ASN A CB   1 
ATOM 486 C CG   . ASN A 1 36 ? -2.997  -4.913  0.449   1.00 0.55  ? 80 ASN A CG   1 
ATOM 487 O OD1  . ASN A 1 36 ? -3.540  -5.878  -0.050  1.00 1.19  ? 80 ASN A OD1  1 
ATOM 488 N ND2  . ASN A 1 36 ? -3.637  -3.779  0.543   1.00 0.96  ? 80 ASN A ND2  1 
ATOM 489 H H    . ASN A 1 36 ? -0.198  -5.174  -1.258  1.00 0.50  ? 80 ASN A H    1 
ATOM 490 H HA   . ASN A 1 36 ? -1.268  -2.948  0.438   1.00 0.48  ? 80 ASN A HA   1 
ATOM 491 H HB2  . ASN A 1 36 ? -1.137  -5.961  0.687   1.00 0.51  ? 80 ASN A HB2  1 
ATOM 492 H HB3  . ASN A 1 36 ? -1.569  -4.928  2.050   1.00 0.49  ? 80 ASN A HB3  1 
ATOM 493 H HD21 . ASN A 1 36 ? -3.199  -3.001  0.946   1.00 1.60  ? 80 ASN A HD21 1 
ATOM 494 H HD22 . ASN A 1 36 ? -4.556  -3.707  0.208   1.00 0.97  ? 80 ASN A HD22 1 
ATOM 495 N N    . CYS A 1 37 ? 1.662   -3.416  0.403   1.00 0.39  ? 81 CYS A N    1 
ATOM 496 C CA   . CYS A 1 37 ? 3.015   -3.281  1.037   1.00 0.37  ? 81 CYS A CA   1 
ATOM 497 C C    . CYS A 1 37 ? 3.390   -4.563  1.793   1.00 0.37  ? 81 CYS A C    1 
ATOM 498 O O    . CYS A 1 37 ? 3.747   -4.527  2.955   1.00 0.44  ? 81 CYS A O    1 
ATOM 499 C CB   . CYS A 1 37 ? 2.900   -2.101  2.007   1.00 0.39  ? 81 CYS A CB   1 
ATOM 500 S SG   . CYS A 1 37 ? 2.527   -0.592  1.082   1.00 0.40  ? 81 CYS A SG   1 
ATOM 501 H H    . CYS A 1 37 ? 1.560   -3.244  -0.557  1.00 0.42  ? 81 CYS A H    1 
ATOM 502 H HA   . CYS A 1 37 ? 3.759   -3.064  0.285   1.00 0.40  ? 81 CYS A HA   1 
ATOM 503 H HB2  . CYS A 1 37 ? 2.109   -2.292  2.716   1.00 0.48  ? 81 CYS A HB2  1 
ATOM 504 H HB3  . CYS A 1 37 ? 3.833   -1.977  2.536   1.00 0.43  ? 81 CYS A HB3  1 
ATOM 505 N N    . GLU A 1 38 ? 3.309   -5.692  1.136   1.00 0.38  ? 82 GLU A N    1 
ATOM 506 C CA   . GLU A 1 38 ? 3.658   -6.981  1.809   1.00 0.41  ? 82 GLU A CA   1 
ATOM 507 C C    . GLU A 1 38 ? 5.018   -7.496  1.321   1.00 0.45  ? 82 GLU A C    1 
ATOM 508 O O    . GLU A 1 38 ? 5.314   -8.672  1.431   1.00 0.57  ? 82 GLU A O    1 
ATOM 509 C CB   . GLU A 1 38 ? 2.536   -7.955  1.425   1.00 0.42  ? 82 GLU A CB   1 
ATOM 510 C CG   . GLU A 1 38 ? 2.465   -8.102  -0.099  1.00 0.44  ? 82 GLU A CG   1 
ATOM 511 C CD   . GLU A 1 38 ? 1.668   -9.360  -0.453  1.00 1.06  ? 82 GLU A CD   1 
ATOM 512 O OE1  . GLU A 1 38 ? 0.451   -9.288  -0.446  1.00 1.40  ? 82 GLU A OE1  1 
ATOM 513 O OE2  . GLU A 1 38 ? 2.290   -10.373 -0.726  1.00 2.02  ? 82 GLU A OE2  1 
ATOM 514 H H    . GLU A 1 38 ? 3.017   -5.693  0.201   1.00 0.42  ? 82 GLU A H    1 
ATOM 515 H HA   . GLU A 1 38 ? 3.673   -6.848  2.879   1.00 0.44  ? 82 GLU A HA   1 
ATOM 516 H HB2  . GLU A 1 38 ? 2.733   -8.920  1.869   1.00 0.46  ? 82 GLU A HB2  1 
ATOM 517 H HB3  . GLU A 1 38 ? 1.593   -7.577  1.791   1.00 0.43  ? 82 GLU A HB3  1 
ATOM 518 H HG2  . GLU A 1 38 ? 1.977   -7.236  -0.523  1.00 0.89  ? 82 GLU A HG2  1 
ATOM 519 H HG3  . GLU A 1 38 ? 3.463   -8.187  -0.502  1.00 0.83  ? 82 GLU A HG3  1 
ATOM 520 N N    . THR A 1 39 ? 5.844   -6.630  0.785   1.00 0.43  ? 83 THR A N    1 
ATOM 521 C CA   . THR A 1 39 ? 7.183   -7.072  0.294   1.00 0.52  ? 83 THR A CA   1 
ATOM 522 C C    . THR A 1 39 ? 8.228   -5.987  0.565   1.00 0.56  ? 83 THR A C    1 
ATOM 523 O O    . THR A 1 39 ? 7.922   -4.810  0.571   1.00 0.76  ? 83 THR A O    1 
ATOM 524 C CB   . THR A 1 39 ? 6.997   -7.280  -1.209  1.00 0.57  ? 83 THR A CB   1 
ATOM 525 O OG1  . THR A 1 39 ? 5.966   -8.230  -1.430  1.00 0.57  ? 83 THR A OG1  1 
ATOM 526 C CG2  . THR A 1 39 ? 8.303   -7.789  -1.824  1.00 0.67  ? 83 THR A CG2  1 
ATOM 527 H H    . THR A 1 39 ? 5.586   -5.687  0.707   1.00 0.42  ? 83 THR A H    1 
ATOM 528 H HA   . THR A 1 39 ? 7.470   -8.000  0.762   1.00 0.57  ? 83 THR A HA   1 
ATOM 529 H HB   . THR A 1 39 ? 6.730   -6.342  -1.671  1.00 0.56  ? 83 THR A HB   1 
ATOM 530 H HG1  . THR A 1 39 ? 5.706   -8.177  -2.353  1.00 0.82  ? 83 THR A HG1  1 
ATOM 531 H HG21 . THR A 1 39 ? 8.601   -8.704  -1.332  1.00 1.29  ? 83 THR A HG21 1 
ATOM 532 H HG22 . THR A 1 39 ? 8.155   -7.981  -2.877  1.00 1.29  ? 83 THR A HG22 1 
ATOM 533 H HG23 . THR A 1 39 ? 9.075   -7.046  -1.697  1.00 1.05  ? 83 THR A HG23 1 
ATOM 534 N N    . HIS A 1 40 ? 9.457   -6.377  0.786   1.00 0.55  ? 84 HIS A N    1 
ATOM 535 C CA   . HIS A 1 40 ? 10.532  -5.374  1.055   1.00 0.58  ? 84 HIS A CA   1 
ATOM 536 C C    . HIS A 1 40 ? 11.629  -5.487  -0.007  1.00 0.68  ? 84 HIS A C    1 
ATOM 537 O O    . HIS A 1 40 ? 12.561  -6.257  0.133   1.00 0.83  ? 84 HIS A O    1 
ATOM 538 C CB   . HIS A 1 40 ? 11.078  -5.737  2.437   1.00 0.69  ? 84 HIS A CB   1 
ATOM 539 C CG   . HIS A 1 40 ? 12.043  -4.678  2.897   1.00 0.74  ? 84 HIS A CG   1 
ATOM 540 N ND1  . HIS A 1 40 ? 12.038  -4.189  4.194   1.00 0.78  ? 84 HIS A ND1  1 
ATOM 541 C CD2  . HIS A 1 40 ? 13.050  -4.004  2.249   1.00 0.90  ? 84 HIS A CD2  1 
ATOM 542 C CE1  . HIS A 1 40 ? 13.012  -3.266  4.285   1.00 0.85  ? 84 HIS A CE1  1 
ATOM 543 N NE2  . HIS A 1 40 ? 13.659  -3.113  3.127   1.00 0.95  ? 84 HIS A NE2  1 
ATOM 544 H H    . HIS A 1 40 ? 9.676   -7.333  0.774   1.00 0.65  ? 84 HIS A H    1 
ATOM 545 H HA   . HIS A 1 40 ? 10.122  -4.377  1.070   1.00 0.52  ? 84 HIS A HA   1 
ATOM 546 H HB2  . HIS A 1 40 ? 10.259  -5.806  3.140   1.00 0.72  ? 84 HIS A HB2  1 
ATOM 547 H HB3  . HIS A 1 40 ? 11.586  -6.688  2.385   1.00 0.78  ? 84 HIS A HB3  1 
ATOM 548 H HD1  . HIS A 1 40 ? 11.435  -4.467  4.915   1.00 0.86  ? 84 HIS A HD1  1 
ATOM 549 H HD2  . HIS A 1 40 ? 13.330  -4.146  1.216   1.00 1.05  ? 84 HIS A HD2  1 
ATOM 550 H HE1  . HIS A 1 40 ? 13.241  -2.713  5.184   1.00 0.91  ? 84 HIS A HE1  1 
ATOM 551 N N    . LYS A 1 41 ? 11.523  -4.721  -1.062  1.00 0.72  ? 85 LYS A N    1 
ATOM 552 C CA   . LYS A 1 41 ? 12.557  -4.776  -2.141  1.00 0.86  ? 85 LYS A CA   1 
ATOM 553 C C    . LYS A 1 41 ? 13.784  -3.951  -1.740  1.00 1.03  ? 85 LYS A C    1 
ATOM 554 O O    . LYS A 1 41 ? 13.707  -2.746  -1.586  1.00 1.42  ? 85 LYS A O    1 
ATOM 555 C CB   . LYS A 1 41 ? 11.882  -4.169  -3.372  1.00 0.88  ? 85 LYS A CB   1 
ATOM 556 C CG   . LYS A 1 41 ? 10.898  -5.179  -3.965  1.00 1.10  ? 85 LYS A CG   1 
ATOM 557 C CD   . LYS A 1 41 ? 11.616  -6.043  -5.004  1.00 1.44  ? 85 LYS A CD   1 
ATOM 558 C CE   . LYS A 1 41 ? 11.929  -5.198  -6.241  1.00 2.01  ? 85 LYS A CE   1 
ATOM 559 N NZ   . LYS A 1 41 ? 12.194  -6.186  -7.324  1.00 2.69  ? 85 LYS A NZ   1 
ATOM 560 H H    . LYS A 1 41 ? 10.763  -4.110  -1.148  1.00 0.72  ? 85 LYS A H    1 
ATOM 561 H HA   . LYS A 1 41 ? 12.839  -5.797  -2.340  1.00 1.03  ? 85 LYS A HA   1 
ATOM 562 H HB2  . LYS A 1 41 ? 11.350  -3.274  -3.086  1.00 0.90  ? 85 LYS A HB2  1 
ATOM 563 H HB3  . LYS A 1 41 ? 12.632  -3.923  -4.110  1.00 0.96  ? 85 LYS A HB3  1 
ATOM 564 H HG2  . LYS A 1 41 ? 10.513  -5.810  -3.177  1.00 1.06  ? 85 LYS A HG2  1 
ATOM 565 H HG3  . LYS A 1 41 ? 10.083  -4.653  -4.439  1.00 1.27  ? 85 LYS A HG3  1 
ATOM 566 H HD2  . LYS A 1 41 ? 12.538  -6.421  -4.584  1.00 1.70  ? 85 LYS A HD2  1 
ATOM 567 H HD3  . LYS A 1 41 ? 10.984  -6.871  -5.286  1.00 1.73  ? 85 LYS A HD3  1 
ATOM 568 H HE2  . LYS A 1 41 ? 11.080  -4.577  -6.495  1.00 2.25  ? 85 LYS A HE2  1 
ATOM 569 H HE3  . LYS A 1 41 ? 12.805  -4.591  -6.073  1.00 2.43  ? 85 LYS A HE3  1 
ATOM 570 H HZ1  . LYS A 1 41 ? 12.923  -6.858  -7.009  1.00 3.02  ? 85 LYS A HZ1  1 
ATOM 571 H HZ2  . LYS A 1 41 ? 11.319  -6.703  -7.544  1.00 3.11  ? 85 LYS A HZ2  1 
ATOM 572 H HZ3  . LYS A 1 41 ? 12.525  -5.689  -8.175  1.00 3.03  ? 85 LYS A HZ3  1 
ATOM 573 N N    . ASP A 1 42 ? 14.911  -4.593  -1.570  1.00 1.59  ? 86 ASP A N    1 
ATOM 574 C CA   . ASP A 1 42 ? 16.149  -3.855  -1.179  1.00 1.87  ? 86 ASP A CA   1 
ATOM 575 C C    . ASP A 1 42 ? 17.342  -4.352  -2.000  1.00 2.19  ? 86 ASP A C    1 
ATOM 576 O O    . ASP A 1 42 ? 18.451  -4.440  -1.507  1.00 2.65  ? 86 ASP A O    1 
ATOM 577 C CB   . ASP A 1 42 ? 16.348  -4.173  0.303   1.00 2.39  ? 86 ASP A CB   1 
ATOM 578 C CG   . ASP A 1 42 ? 17.507  -3.341  0.853   1.00 3.22  ? 86 ASP A CG   1 
ATOM 579 O OD1  . ASP A 1 42 ? 17.316  -2.153  1.053   1.00 3.70  ? 86 ASP A OD1  1 
ATOM 580 O OD2  . ASP A 1 42 ? 18.568  -3.907  1.065   1.00 3.84  ? 86 ASP A OD2  1 
ATOM 581 H H    . ASP A 1 42 ? 14.943  -5.564  -1.701  1.00 2.14  ? 86 ASP A H    1 
ATOM 582 H HA   . ASP A 1 42 ? 16.013  -2.793  -1.314  1.00 2.14  ? 86 ASP A HA   1 
ATOM 583 H HB2  . ASP A 1 42 ? 15.443  -3.936  0.846   1.00 2.71  ? 86 ASP A HB2  1 
ATOM 584 H HB3  . ASP A 1 42 ? 16.574  -5.222  0.418   1.00 2.58  ? 86 ASP A HB3  1 
ATOM 585 N N    . ASP A 1 43 ? 17.121  -4.675  -3.249  1.00 2.55  ? 87 ASP A N    1 
ATOM 586 C CA   . ASP A 1 43 ? 18.236  -5.167  -4.112  1.00 3.43  ? 87 ASP A CA   1 
ATOM 587 C C    . ASP A 1 43 ? 18.857  -4.004  -4.888  1.00 4.06  ? 87 ASP A C    1 
ATOM 588 O O    . ASP A 1 43 ? 20.031  -3.716  -4.757  1.00 4.51  ? 87 ASP A O    1 
ATOM 589 C CB   . ASP A 1 43 ? 17.585  -6.166  -5.069  1.00 4.19  ? 87 ASP A CB   1 
ATOM 590 C CG   . ASP A 1 43 ? 18.673  -6.922  -5.835  1.00 4.89  ? 87 ASP A CG   1 
ATOM 591 O OD1  . ASP A 1 43 ? 19.508  -7.533  -5.188  1.00 5.32  ? 87 ASP A OD1  1 
ATOM 592 O OD2  . ASP A 1 43 ? 18.651  -6.878  -7.053  1.00 5.33  ? 87 ASP A OD2  1 
ATOM 593 H H    . ASP A 1 43 ? 16.218  -4.594  -3.620  1.00 2.54  ? 87 ASP A H    1 
ATOM 594 H HA   . ASP A 1 43 ? 18.984  -5.663  -3.514  1.00 3.62  ? 87 ASP A HA   1 
ATOM 595 H HB2  . ASP A 1 43 ? 16.986  -6.866  -4.505  1.00 4.29  ? 87 ASP A HB2  1 
ATOM 596 H HB3  . ASP A 1 43 ? 16.957  -5.636  -5.769  1.00 4.66  ? 87 ASP A HB3  1 
ATOM 597 N N    . GLY A 1 44 ? 18.074  -3.335  -5.696  1.00 4.61  ? 88 GLY A N    1 
ATOM 598 C CA   . GLY A 1 44 ? 18.609  -2.188  -6.488  1.00 5.66  ? 88 GLY A CA   1 
ATOM 599 C C    . GLY A 1 44 ? 18.983  -2.665  -7.893  1.00 6.60  ? 88 GLY A C    1 
ATOM 600 O O    . GLY A 1 44 ? 18.307  -2.364  -8.853  1.00 7.10  ? 88 GLY A O    1 
ATOM 601 H H    . GLY A 1 44 ? 17.131  -3.589  -5.783  1.00 4.60  ? 88 GLY A H    1 
ATOM 602 H HA2  . GLY A 1 44 ? 17.855  -1.417  -6.557  1.00 5.83  ? 88 GLY A HA2  1 
ATOM 603 H HA3  . GLY A 1 44 ? 19.486  -1.791  -6.001  1.00 5.91  ? 88 GLY A HA3  1 
ATOM 604 N N    . SER A 1 45 ? 20.061  -3.405  -8.006  1.00 7.15  ? 89 SER A N    1 
ATOM 605 C CA   . SER A 1 45 ? 20.523  -3.929  -9.339  1.00 8.29  ? 89 SER A CA   1 
ATOM 606 C C    . SER A 1 45 ? 20.492  -2.833  -10.428 1.00 9.04  ? 89 SER A C    1 
ATOM 607 O O    . SER A 1 45 ? 21.462  -2.121  -10.611 1.00 9.38  ? 89 SER A O    1 
ATOM 608 C CB   . SER A 1 45 ? 19.578  -5.094  -9.669  1.00 8.82  ? 89 SER A CB   1 
ATOM 609 O OG   . SER A 1 45 ? 18.256  -4.607  -9.850  1.00 9.23  ? 89 SER A OG   1 
ATOM 610 H H    . SER A 1 45 ? 20.579  -3.622  -7.202  1.00 6.98  ? 89 SER A H    1 
ATOM 611 H HA   . SER A 1 45 ? 21.528  -4.308  -9.243  1.00 8.45  ? 89 SER A HA   1 
ATOM 612 H HB2  . SER A 1 45 ? 19.903  -5.576  -10.574 1.00 8.84  ? 89 SER A HB2  1 
ATOM 613 H HB3  . SER A 1 45 ? 19.599  -5.811  -8.857  1.00 9.15  ? 89 SER A HB3  1 
ATOM 614 H HG   . SER A 1 45 ? 17.651  -5.345  -9.749  1.00 9.65  ? 89 SER A HG   1 
ATOM 615 N N    . ALA A 1 46 ? 19.401  -2.690  -11.146 1.00 9.54  ? 90 ALA A N    1 
ATOM 616 C CA   . ALA A 1 46 ? 19.332  -1.642  -12.209 1.00 10.49 ? 90 ALA A CA   1 
ATOM 617 C C    . ALA A 1 46 ? 18.400  -0.507  -11.773 1.00 11.00 ? 90 ALA A C    1 
ATOM 618 O O    . ALA A 1 46 ? 17.367  -0.803  -11.198 1.00 11.32 ? 90 ALA A O    1 
ATOM 619 C CB   . ALA A 1 46 ? 18.766  -2.358  -13.435 1.00 10.94 ? 90 ALA A CB   1 
ATOM 620 O OXT  . ALA A 1 46 ? 18.738  0.638   -12.023 1.00 11.25 ? 90 ALA A OXT  1 
ATOM 621 H H    . ALA A 1 46 ? 18.628  -3.268  -10.987 1.00 9.43  ? 90 ALA A H    1 
ATOM 622 H HA   . ALA A 1 46 ? 20.316  -1.260  -12.427 1.00 10.73 ? 90 ALA A HA   1 
ATOM 623 H HB1  . ALA A 1 46 ? 17.842  -2.852  -13.171 1.00 11.17 ? 90 ALA A HB1  1 
ATOM 624 H HB2  . ALA A 1 46 ? 18.577  -1.638  -14.218 1.00 11.11 ? 90 ALA A HB2  1 
ATOM 625 H HB3  . ALA A 1 46 ? 19.478  -3.090  -13.786 1.00 11.06 ? 90 ALA A HB3  1 
# 
